data_2C5H
#
_entry.id   2C5H
#
_cell.length_a   74.543
_cell.length_b   126.697
_cell.length_c   181.333
_cell.angle_alpha   90.00
_cell.angle_beta   90.00
_cell.angle_gamma   90.00
#
_symmetry.space_group_name_H-M   'C 2 2 21'
#
loop_
_entity.id
_entity.type
_entity.pdbx_description
1 polymer "5'-FLUORO-5'-DEOXYADENOSINE SYNTHASE"
2 non-polymer METHIONINE
3 non-polymer (2R,3S,5R)-5-(6-amino-9H-purin-9-yl)-tetrahydro-2-(hydroxymethyl)furan-3-ol
4 non-polymer 'CHLORIDE ION'
5 water water
#
_entity_poly.entity_id   1
_entity_poly.type   'polypeptide(L)'
_entity_poly.pdbx_seq_one_letter_code
;MAANSTRRPIIAFMSDLGTTDDSVAQCKGLMYSICPDVTVVDVCHSMTPWDVEEGARYIVDLPRFFPEGTVFATTTYPAT
GTTTRSVAVRIKQAAKGGARGQWAGSGAGFERAEGSYIYIAPNNGLLTTVLEEHGYLEAYEVTSPKVIPEQPEPTFYSRE
MVAIPSAHLAAGFPLSEVGRPLEDHEIVRFNRPAVEQDGEALVGVVSAIDHPFGNVWTNIHRTDLEKAGIGYGARLRLTL
DGVLPFEAPLTPTFADAGEIGNIAIYLNSRGYLSIARNAASLAYPYHLKEGMSARVEAR
;
_entity_poly.pdbx_strand_id   A,B,C
#
# COMPACT_ATOMS: atom_id res chain seq x y z
N ARG A 8 -21.41 -11.41 1.76
CA ARG A 8 -20.08 -10.79 1.39
C ARG A 8 -20.08 -9.24 1.36
N PRO A 9 -20.05 -8.59 2.53
CA PRO A 9 -20.03 -7.14 2.57
C PRO A 9 -18.65 -6.53 2.32
N ILE A 10 -18.62 -5.38 1.65
CA ILE A 10 -17.34 -4.74 1.32
C ILE A 10 -17.28 -3.30 1.71
N ILE A 11 -16.25 -2.92 2.45
CA ILE A 11 -16.02 -1.51 2.72
C ILE A 11 -14.83 -1.05 1.91
N ALA A 12 -15.07 0.00 1.13
CA ALA A 12 -14.02 0.59 0.31
C ALA A 12 -13.50 1.83 1.01
N PHE A 13 -12.22 1.79 1.36
CA PHE A 13 -11.66 2.70 2.31
C PHE A 13 -10.73 3.71 1.63
N MET A 14 -11.00 4.99 1.88
CA MET A 14 -10.19 6.05 1.31
C MET A 14 -9.99 7.06 2.39
N SER A 15 -8.74 7.43 2.58
CA SER A 15 -8.42 8.34 3.63
C SER A 15 -7.10 9.03 3.29
N ASP A 16 -6.66 9.89 4.19
CA ASP A 16 -5.39 10.53 4.03
C ASP A 16 -4.40 10.04 5.13
N LEU A 17 -4.73 8.90 5.73
CA LEU A 17 -3.97 8.41 6.92
C LEU A 17 -2.56 7.97 6.59
N GLY A 18 -2.27 7.86 5.29
CA GLY A 18 -0.97 7.39 4.84
C GLY A 18 -0.80 5.90 5.00
N THR A 19 0.41 5.47 4.73
CA THR A 19 0.78 4.08 4.60
C THR A 19 2.04 3.91 5.42
N THR A 20 2.31 4.88 6.31
CA THR A 20 3.56 4.85 7.08
C THR A 20 3.44 4.31 8.51
N ASP A 21 2.25 4.38 9.13
CA ASP A 21 2.14 3.80 10.46
C ASP A 21 0.92 2.92 10.49
N ASP A 22 0.45 2.59 11.70
CA ASP A 22 -0.62 1.63 11.91
C ASP A 22 -2.02 2.27 11.89
N SER A 23 -2.08 3.53 11.51
CA SER A 23 -3.34 4.21 11.41
C SER A 23 -4.44 3.45 10.70
N VAL A 24 -4.18 3.12 9.44
CA VAL A 24 -5.15 2.45 8.59
C VAL A 24 -5.54 1.12 9.24
N ALA A 25 -4.56 0.39 9.72
CA ALA A 25 -4.76 -0.95 10.26
C ALA A 25 -5.68 -0.88 11.48
N GLN A 26 -5.53 0.20 12.24
CA GLN A 26 -6.38 0.36 13.40
C GLN A 26 -7.84 0.41 12.98
N CYS A 27 -8.15 1.26 12.00
CA CYS A 27 -9.46 1.22 11.35
C CYS A 27 -9.83 -0.18 10.84
N LYS A 28 -8.92 -0.80 10.09
CA LYS A 28 -9.17 -2.14 9.57
C LYS A 28 -9.44 -3.15 10.68
N GLY A 29 -8.71 -3.04 11.79
CA GLY A 29 -8.92 -3.92 12.93
C GLY A 29 -10.35 -3.73 13.39
N LEU A 30 -10.76 -2.48 13.58
CA LEU A 30 -12.12 -2.19 14.01
C LEU A 30 -13.19 -2.67 13.06
N MET A 31 -12.94 -2.56 11.76
CA MET A 31 -13.89 -3.00 10.74
C MET A 31 -14.13 -4.50 10.79
N TYR A 32 -13.06 -5.28 10.93
CA TYR A 32 -13.21 -6.72 11.03
C TYR A 32 -13.86 -7.09 12.34
N SER A 33 -13.55 -6.35 13.39
CA SER A 33 -14.21 -6.53 14.70
C SER A 33 -15.73 -6.23 14.71
N ILE A 34 -16.18 -5.24 13.93
CA ILE A 34 -17.60 -4.90 13.89
C ILE A 34 -18.33 -5.79 12.92
N CYS A 35 -17.67 -6.09 11.80
CA CYS A 35 -18.28 -6.81 10.69
C CYS A 35 -17.36 -7.97 10.26
N PRO A 36 -17.38 -9.07 11.03
CA PRO A 36 -16.44 -10.19 10.86
C PRO A 36 -16.18 -10.59 9.41
N ASP A 37 -17.23 -10.63 8.58
CA ASP A 37 -17.14 -11.09 7.18
C ASP A 37 -16.77 -10.03 6.14
N VAL A 38 -16.38 -8.85 6.60
CA VAL A 38 -16.15 -7.74 5.70
C VAL A 38 -14.92 -7.99 4.83
N THR A 39 -14.97 -7.53 3.59
CA THR A 39 -13.75 -7.37 2.82
C THR A 39 -13.47 -5.88 2.78
N VAL A 40 -12.27 -5.51 3.23
CA VAL A 40 -11.87 -4.12 3.23
C VAL A 40 -11.05 -3.90 2.00
N VAL A 41 -11.54 -3.04 1.12
CA VAL A 41 -10.79 -2.72 -0.05
C VAL A 41 -10.19 -1.33 0.11
N ASP A 42 -8.89 -1.26 0.02
CA ASP A 42 -8.28 0.05 0.07
C ASP A 42 -8.54 0.76 -1.24
N VAL A 43 -8.93 2.02 -1.14
CA VAL A 43 -9.03 2.81 -2.34
C VAL A 43 -7.65 3.42 -2.55
N CYS A 44 -7.32 4.36 -1.68
CA CYS A 44 -5.95 4.82 -1.45
C CYS A 44 -5.92 5.62 -0.18
N HIS A 45 -4.74 5.74 0.40
CA HIS A 45 -4.61 6.36 1.70
C HIS A 45 -3.58 7.49 1.67
N SER A 46 -3.30 7.95 0.46
CA SER A 46 -2.15 8.80 0.26
C SER A 46 -2.52 10.13 -0.43
N MET A 47 -3.76 10.57 -0.30
CA MET A 47 -4.17 11.78 -0.93
C MET A 47 -3.46 12.89 -0.19
N THR A 48 -3.47 14.10 -0.73
CA THR A 48 -2.93 15.23 0.02
C THR A 48 -3.80 15.48 1.23
N PRO A 49 -3.22 15.38 2.44
CA PRO A 49 -4.02 15.61 3.63
C PRO A 49 -4.94 16.83 3.47
N TRP A 50 -6.16 16.69 3.98
CA TRP A 50 -7.13 17.79 4.07
C TRP A 50 -7.62 18.38 2.75
N ASP A 51 -7.12 17.87 1.62
CA ASP A 51 -7.51 18.33 0.30
C ASP A 51 -8.81 17.62 -0.12
N VAL A 52 -9.94 18.14 0.34
CA VAL A 52 -11.24 17.53 0.08
C VAL A 52 -11.52 17.42 -1.41
N GLU A 53 -11.06 18.39 -2.18
CA GLU A 53 -11.29 18.36 -3.63
C GLU A 53 -10.56 17.18 -4.26
N GLU A 54 -9.37 16.89 -3.77
CA GLU A 54 -8.58 15.78 -4.27
C GLU A 54 -9.30 14.51 -3.87
N GLY A 55 -9.50 14.33 -2.57
CA GLY A 55 -10.32 13.26 -2.05
C GLY A 55 -11.50 12.93 -2.94
N ALA A 56 -12.32 13.95 -3.22
CA ALA A 56 -13.52 13.79 -4.04
C ALA A 56 -13.25 13.03 -5.33
N ARG A 57 -12.19 13.45 -6.05
CA ARG A 57 -11.79 12.81 -7.32
C ARG A 57 -11.52 11.33 -7.15
N TYR A 58 -11.05 10.95 -5.96
CA TYR A 58 -10.76 9.54 -5.71
C TYR A 58 -11.99 8.69 -5.40
N ILE A 59 -13.10 9.32 -5.06
CA ILE A 59 -14.21 8.53 -4.53
C ILE A 59 -15.43 8.52 -5.43
N VAL A 60 -15.45 9.44 -6.38
CA VAL A 60 -16.64 9.75 -7.14
C VAL A 60 -16.97 8.74 -8.23
N ASP A 61 -15.93 8.06 -8.72
CA ASP A 61 -15.98 7.20 -9.89
C ASP A 61 -16.13 5.73 -9.50
N LEU A 62 -16.13 5.46 -8.19
CA LEU A 62 -16.05 4.09 -7.66
C LEU A 62 -17.30 3.24 -7.82
N PRO A 63 -18.48 3.82 -7.67
CA PRO A 63 -19.63 2.93 -7.41
C PRO A 63 -19.83 1.87 -8.49
N ARG A 64 -19.63 2.22 -9.76
CA ARG A 64 -19.96 1.29 -10.84
C ARG A 64 -19.02 0.08 -10.89
N PHE A 65 -17.87 0.19 -10.26
CA PHE A 65 -16.88 -0.90 -10.19
C PHE A 65 -17.15 -1.90 -9.09
N PHE A 66 -17.85 -1.47 -8.03
CA PHE A 66 -18.05 -2.34 -6.89
C PHE A 66 -19.38 -3.03 -6.83
N PRO A 67 -19.42 -4.19 -6.19
CA PRO A 67 -20.67 -4.93 -6.10
C PRO A 67 -21.67 -4.12 -5.29
N GLU A 68 -22.95 -4.18 -5.66
CA GLU A 68 -23.98 -3.41 -4.96
C GLU A 68 -24.00 -3.78 -3.48
N GLY A 69 -24.28 -2.78 -2.63
CA GLY A 69 -24.23 -2.94 -1.17
C GLY A 69 -22.90 -2.50 -0.61
N THR A 70 -21.94 -2.23 -1.49
CA THR A 70 -20.62 -1.77 -1.09
C THR A 70 -20.77 -0.51 -0.28
N VAL A 71 -19.89 -0.31 0.69
CA VAL A 71 -19.90 0.88 1.54
C VAL A 71 -18.61 1.63 1.36
N PHE A 72 -18.69 2.93 1.06
CA PHE A 72 -17.49 3.72 0.88
C PHE A 72 -17.20 4.49 2.15
N ALA A 73 -16.14 4.08 2.85
CA ALA A 73 -15.64 4.86 3.96
C ALA A 73 -14.57 5.78 3.41
N THR A 74 -14.92 7.06 3.27
CA THR A 74 -14.10 8.06 2.57
C THR A 74 -13.82 9.22 3.50
N THR A 75 -12.55 9.43 3.83
CA THR A 75 -12.26 10.44 4.87
C THR A 75 -10.95 11.20 4.77
N THR A 76 -11.07 12.52 4.85
CA THR A 76 -10.03 13.42 5.39
C THR A 76 -10.78 14.31 6.35
N TYR A 77 -10.25 14.44 7.56
CA TYR A 77 -11.04 14.96 8.66
C TYR A 77 -10.39 16.09 9.45
N PRO A 78 -10.03 17.21 8.79
CA PRO A 78 -9.42 18.34 9.55
C PRO A 78 -10.21 18.79 10.80
N ALA A 79 -11.55 18.68 10.74
CA ALA A 79 -12.42 19.00 11.86
C ALA A 79 -12.49 17.90 12.94
N THR A 80 -11.56 16.94 12.91
CA THR A 80 -11.54 15.88 13.93
C THR A 80 -11.50 16.45 15.35
N GLY A 81 -12.22 15.78 16.24
CA GLY A 81 -12.33 16.21 17.64
C GLY A 81 -13.29 17.36 17.92
N THR A 82 -13.93 17.91 16.89
CA THR A 82 -14.94 18.95 17.09
C THR A 82 -16.33 18.33 17.19
N THR A 83 -17.35 19.17 17.30
CA THR A 83 -18.74 18.67 17.43
C THR A 83 -19.31 18.23 16.10
N THR A 84 -18.69 18.63 14.99
CA THR A 84 -19.19 18.20 13.69
C THR A 84 -19.35 16.69 13.66
N ARG A 85 -20.30 16.23 12.85
CA ARG A 85 -20.55 14.82 12.70
C ARG A 85 -20.63 14.44 11.23
N SER A 86 -20.32 13.16 11.00
CA SER A 86 -20.25 12.61 9.69
C SER A 86 -21.61 12.58 9.09
N VAL A 87 -21.66 12.53 7.77
CA VAL A 87 -22.88 12.36 7.05
C VAL A 87 -22.80 11.00 6.40
N ALA A 88 -23.91 10.26 6.41
CA ALA A 88 -23.99 8.98 5.67
C ALA A 88 -25.11 9.08 4.65
N VAL A 89 -24.74 8.97 3.37
CA VAL A 89 -25.76 9.05 2.31
C VAL A 89 -25.80 7.77 1.54
N ARG A 90 -26.99 7.41 1.09
CA ARG A 90 -27.19 6.33 0.13
C ARG A 90 -27.37 7.07 -1.18
N ILE A 91 -26.46 6.79 -2.12
CA ILE A 91 -26.50 7.49 -3.40
C ILE A 91 -27.56 6.92 -4.34
N LYS A 92 -27.98 7.73 -5.31
CA LYS A 92 -29.03 7.32 -6.23
C LYS A 92 -28.47 6.42 -7.32
N GLN A 93 -28.03 7.01 -8.43
CA GLN A 93 -27.54 6.20 -9.53
C GLN A 93 -26.05 5.91 -9.37
N ALA A 94 -25.65 4.74 -9.86
CA ALA A 94 -24.26 4.33 -9.80
C ALA A 94 -23.53 5.16 -10.82
N ALA A 95 -24.29 5.59 -11.83
CA ALA A 95 -23.87 6.47 -12.92
C ALA A 95 -22.80 5.88 -13.82
N LYS A 96 -23.16 5.66 -15.08
CA LYS A 96 -22.16 5.46 -16.13
C LYS A 96 -21.01 6.48 -16.01
N GLY A 97 -19.79 6.04 -16.30
CA GLY A 97 -18.65 6.95 -16.37
C GLY A 97 -17.71 6.62 -17.52
N GLY A 98 -16.61 7.39 -17.61
CA GLY A 98 -15.52 7.11 -18.57
C GLY A 98 -15.49 7.98 -19.81
N ALA A 99 -14.54 7.67 -20.69
CA ALA A 99 -14.24 8.44 -21.93
C ALA A 99 -15.42 8.55 -22.88
N ARG A 100 -16.35 7.60 -22.77
CA ARG A 100 -17.53 7.49 -23.65
C ARG A 100 -18.80 7.48 -22.82
N GLY A 101 -18.68 7.12 -21.54
CA GLY A 101 -19.84 7.01 -20.67
C GLY A 101 -20.54 5.67 -20.82
N GLN A 102 -20.08 4.69 -20.04
CA GLN A 102 -20.55 3.30 -20.12
C GLN A 102 -20.59 2.68 -18.71
N TRP A 103 -21.24 1.52 -18.60
CA TRP A 103 -21.09 0.67 -17.41
C TRP A 103 -19.74 -0.03 -17.42
N ALA A 104 -19.18 -0.22 -16.23
CA ALA A 104 -17.91 -0.91 -16.06
C ALA A 104 -18.12 -2.41 -16.15
N GLY A 105 -17.09 -3.12 -16.56
CA GLY A 105 -17.13 -4.58 -16.62
C GLY A 105 -16.96 -5.17 -18.00
N SER A 106 -16.90 -6.49 -18.03
CA SER A 106 -16.84 -7.29 -19.25
C SER A 106 -18.13 -7.16 -20.04
N GLY A 107 -18.13 -7.65 -21.28
CA GLY A 107 -19.28 -7.54 -22.16
C GLY A 107 -19.75 -6.11 -22.24
N ALA A 108 -21.06 -5.92 -22.09
CA ALA A 108 -21.65 -4.59 -22.08
C ALA A 108 -21.48 -3.85 -20.74
N GLY A 109 -20.69 -4.39 -19.83
CA GLY A 109 -20.59 -3.85 -18.48
C GLY A 109 -21.68 -4.34 -17.52
N PHE A 110 -21.50 -4.02 -16.24
CA PHE A 110 -22.35 -4.47 -15.17
C PHE A 110 -23.28 -3.35 -14.73
N GLU A 111 -24.51 -3.37 -15.21
CA GLU A 111 -25.54 -2.40 -14.83
C GLU A 111 -25.75 -2.51 -13.32
N ARG A 112 -25.71 -1.37 -12.63
CA ARG A 112 -25.87 -1.35 -11.18
C ARG A 112 -27.15 -0.61 -10.79
N ALA A 113 -28.05 -1.35 -10.15
CA ALA A 113 -29.29 -0.84 -9.61
C ALA A 113 -29.09 0.41 -8.78
N GLU A 114 -30.08 1.30 -8.77
CA GLU A 114 -30.05 2.50 -7.93
C GLU A 114 -30.17 2.19 -6.45
N GLY A 115 -29.81 3.15 -5.60
CA GLY A 115 -29.88 3.01 -4.16
C GLY A 115 -28.99 1.95 -3.55
N SER A 116 -27.90 1.63 -4.20
CA SER A 116 -27.16 0.42 -3.89
C SER A 116 -25.79 0.64 -3.25
N TYR A 117 -25.44 1.89 -2.97
CA TYR A 117 -24.17 2.20 -2.33
C TYR A 117 -24.41 3.26 -1.28
N ILE A 118 -23.66 3.17 -0.18
CA ILE A 118 -23.68 4.20 0.85
C ILE A 118 -22.29 4.75 1.01
N TYR A 119 -22.18 6.08 1.09
CA TYR A 119 -20.92 6.72 1.51
C TYR A 119 -21.05 7.22 2.91
N ILE A 120 -19.95 7.15 3.64
CA ILE A 120 -19.89 7.71 4.98
C ILE A 120 -18.61 8.56 5.04
N ALA A 121 -18.81 9.82 5.37
CA ALA A 121 -17.73 10.78 5.24
C ALA A 121 -17.91 11.94 6.21
N PRO A 122 -16.80 12.66 6.44
CA PRO A 122 -16.91 13.87 7.25
C PRO A 122 -17.89 14.74 6.51
N ASN A 123 -18.66 15.53 7.23
CA ASN A 123 -19.56 16.43 6.56
C ASN A 123 -18.84 17.73 6.22
N ASN A 124 -17.70 17.60 5.52
CA ASN A 124 -16.84 18.72 5.13
C ASN A 124 -16.79 19.08 3.64
N GLY A 125 -17.45 18.29 2.81
CA GLY A 125 -17.59 18.58 1.40
C GLY A 125 -16.99 17.47 0.60
N LEU A 126 -16.41 16.50 1.29
CA LEU A 126 -15.76 15.39 0.60
C LEU A 126 -16.70 14.76 -0.45
N LEU A 127 -17.98 14.71 -0.13
CA LEU A 127 -18.92 14.01 -0.97
C LEU A 127 -19.54 14.90 -2.04
N THR A 128 -18.97 16.07 -2.28
CA THR A 128 -19.61 17.08 -3.13
C THR A 128 -19.95 16.49 -4.49
N THR A 129 -18.92 16.01 -5.19
CA THR A 129 -19.03 15.54 -6.56
C THR A 129 -19.85 14.24 -6.57
N VAL A 130 -19.68 13.39 -5.56
CA VAL A 130 -20.49 12.15 -5.44
C VAL A 130 -21.95 12.53 -5.57
N LEU A 131 -22.37 13.41 -4.68
CA LEU A 131 -23.75 13.87 -4.60
C LEU A 131 -24.23 14.50 -5.89
N GLU A 132 -23.32 15.18 -6.58
CA GLU A 132 -23.64 15.87 -7.83
C GLU A 132 -23.76 14.91 -9.00
N GLU A 133 -22.87 13.93 -9.07
CA GLU A 133 -22.86 12.98 -10.16
C GLU A 133 -23.79 11.79 -9.96
N HIS A 134 -24.04 11.43 -8.71
CA HIS A 134 -24.88 10.25 -8.44
C HIS A 134 -26.22 10.58 -7.81
N GLY A 135 -26.37 11.78 -7.25
CA GLY A 135 -27.57 12.14 -6.53
C GLY A 135 -27.66 11.27 -5.29
N TYR A 136 -28.72 11.48 -4.48
CA TYR A 136 -28.93 10.65 -3.30
C TYR A 136 -30.37 10.50 -2.87
N LEU A 137 -30.62 9.39 -2.18
CA LEU A 137 -31.95 9.06 -1.77
C LEU A 137 -32.21 9.50 -0.35
N GLU A 138 -31.17 9.48 0.47
CA GLU A 138 -31.32 9.76 1.90
C GLU A 138 -29.98 10.06 2.55
N ALA A 139 -29.99 10.95 3.55
CA ALA A 139 -28.76 11.48 4.14
C ALA A 139 -28.92 11.61 5.64
N TYR A 140 -27.91 11.18 6.40
CA TYR A 140 -28.04 11.13 7.86
C TYR A 140 -26.77 11.54 8.59
N GLU A 141 -27.00 12.27 9.67
CA GLU A 141 -25.96 12.62 10.60
C GLU A 141 -25.58 11.39 11.37
N VAL A 142 -24.31 11.04 11.35
CA VAL A 142 -23.84 9.88 12.06
C VAL A 142 -23.57 10.23 13.53
N THR A 143 -24.60 10.21 14.38
CA THR A 143 -24.45 10.53 15.81
C THR A 143 -24.74 9.42 16.82
N SER A 144 -25.29 8.31 16.36
CA SER A 144 -25.79 7.27 17.28
C SER A 144 -24.62 6.59 17.98
N PRO A 145 -24.73 6.44 19.29
CA PRO A 145 -23.63 5.80 20.01
C PRO A 145 -23.55 4.32 19.69
N LYS A 146 -24.42 3.85 18.80
CA LYS A 146 -24.38 2.44 18.43
C LYS A 146 -23.42 2.19 17.30
N VAL A 147 -22.88 3.28 16.70
CA VAL A 147 -22.08 3.22 15.49
C VAL A 147 -20.90 4.16 15.54
N ILE A 148 -20.87 5.02 16.55
CA ILE A 148 -19.64 5.77 16.88
C ILE A 148 -19.33 5.61 18.37
N PRO A 149 -18.06 5.80 18.76
CA PRO A 149 -17.70 5.69 20.16
C PRO A 149 -18.42 6.70 21.05
N GLU A 150 -18.59 6.35 22.31
CA GLU A 150 -19.07 7.31 23.28
C GLU A 150 -17.99 8.35 23.67
N GLN A 151 -16.72 7.95 23.58
CA GLN A 151 -15.63 8.87 23.85
C GLN A 151 -14.71 8.89 22.65
N PRO A 152 -15.11 9.59 21.58
CA PRO A 152 -14.31 9.52 20.39
C PRO A 152 -12.93 10.08 20.68
N GLU A 153 -11.92 9.49 20.05
CA GLU A 153 -10.55 9.98 20.12
C GLU A 153 -10.56 11.33 19.44
N PRO A 154 -10.25 12.39 20.20
CA PRO A 154 -10.24 13.72 19.63
C PRO A 154 -9.59 13.82 18.22
N THR A 155 -8.42 13.22 18.04
CA THR A 155 -7.65 13.41 16.81
C THR A 155 -7.97 12.42 15.71
N PHE A 156 -8.61 11.32 16.07
CA PHE A 156 -8.82 10.24 15.10
C PHE A 156 -10.29 10.00 14.72
N TYR A 157 -11.01 11.06 14.35
CA TYR A 157 -12.36 10.94 13.79
C TYR A 157 -12.47 10.15 12.50
N SER A 158 -11.37 10.01 11.74
CA SER A 158 -11.38 9.13 10.56
C SER A 158 -11.66 7.70 11.00
N ARG A 159 -11.09 7.33 12.13
CA ARG A 159 -11.33 6.00 12.67
C ARG A 159 -12.70 6.00 13.37
N GLU A 160 -12.95 6.99 14.24
CA GLU A 160 -14.13 6.97 15.12
C GLU A 160 -15.46 7.31 14.44
N MET A 161 -15.48 8.30 13.56
CA MET A 161 -16.70 8.74 12.89
C MET A 161 -16.79 8.29 11.44
N VAL A 162 -15.92 7.40 11.02
CA VAL A 162 -16.01 6.88 9.67
C VAL A 162 -15.81 5.40 9.64
N ALA A 163 -14.59 4.92 9.93
CA ALA A 163 -14.27 3.50 9.87
C ALA A 163 -15.30 2.71 10.66
N ILE A 164 -15.34 2.98 11.95
CA ILE A 164 -16.23 2.28 12.84
C ILE A 164 -17.63 2.23 12.25
N PRO A 165 -18.31 3.39 12.03
CA PRO A 165 -19.67 3.23 11.52
C PRO A 165 -19.78 2.74 10.08
N SER A 166 -18.71 2.79 9.28
CA SER A 166 -18.79 2.17 7.95
C SER A 166 -19.00 0.69 8.14
N ALA A 167 -18.41 0.17 9.22
CA ALA A 167 -18.46 -1.24 9.54
C ALA A 167 -19.85 -1.67 10.03
N HIS A 168 -20.51 -0.79 10.78
CA HIS A 168 -21.84 -1.13 11.23
C HIS A 168 -22.74 -1.15 10.03
N LEU A 169 -22.44 -0.30 9.06
CA LEU A 169 -23.29 -0.19 7.91
C LEU A 169 -23.08 -1.39 7.04
N ALA A 170 -21.82 -1.78 6.89
CA ALA A 170 -21.49 -2.99 6.15
C ALA A 170 -22.20 -4.13 6.80
N ALA A 171 -22.27 -4.09 8.13
CA ALA A 171 -22.82 -5.21 8.90
C ALA A 171 -24.34 -5.21 9.03
N GLY A 172 -24.99 -4.35 8.24
CA GLY A 172 -26.44 -4.35 8.11
C GLY A 172 -27.16 -3.47 9.09
N PHE A 173 -26.42 -2.61 9.78
CA PHE A 173 -27.07 -1.64 10.67
C PHE A 173 -27.84 -0.66 9.79
N PRO A 174 -29.16 -0.51 10.06
CA PRO A 174 -30.02 0.28 9.19
C PRO A 174 -29.54 1.72 9.10
N LEU A 175 -29.36 2.18 7.88
CA LEU A 175 -28.80 3.49 7.59
C LEU A 175 -29.45 4.61 8.41
N SER A 176 -30.77 4.63 8.38
CA SER A 176 -31.57 5.69 8.99
C SER A 176 -31.52 5.68 10.50
N GLU A 177 -30.75 4.76 11.09
CA GLU A 177 -30.60 4.71 12.55
C GLU A 177 -29.33 5.38 13.06
N VAL A 178 -28.46 5.83 12.16
CA VAL A 178 -27.18 6.44 12.53
C VAL A 178 -27.33 7.82 13.16
N GLY A 179 -28.46 8.47 12.88
CA GLY A 179 -28.78 9.81 13.40
C GLY A 179 -29.80 10.47 12.52
N ARG A 180 -30.25 11.66 12.90
CA ARG A 180 -31.38 12.34 12.25
C ARG A 180 -31.17 12.52 10.73
N PRO A 181 -32.26 12.65 9.96
CA PRO A 181 -32.03 12.95 8.56
C PRO A 181 -31.47 14.37 8.45
N LEU A 182 -30.63 14.59 7.44
CA LEU A 182 -30.09 15.92 7.14
C LEU A 182 -30.78 16.50 5.92
N GLU A 183 -31.28 17.73 6.04
CA GLU A 183 -31.78 18.45 4.88
C GLU A 183 -30.61 18.80 3.98
N ASP A 184 -30.90 19.06 2.71
CA ASP A 184 -29.82 19.24 1.74
C ASP A 184 -28.85 20.38 2.14
N HIS A 185 -29.35 21.56 2.47
CA HIS A 185 -28.50 22.70 2.85
C HIS A 185 -27.54 22.39 4.00
N GLU A 186 -27.78 21.30 4.72
CA GLU A 186 -26.91 20.89 5.84
C GLU A 186 -25.75 20.00 5.41
N ILE A 187 -25.82 19.45 4.19
CA ILE A 187 -24.70 18.71 3.64
C ILE A 187 -23.76 19.69 2.98
N VAL A 188 -22.60 19.87 3.61
CA VAL A 188 -21.69 20.90 3.20
C VAL A 188 -21.19 20.59 1.81
N ARG A 189 -21.09 21.63 1.00
CA ARG A 189 -20.63 21.54 -0.35
C ARG A 189 -19.39 22.40 -0.56
N PHE A 190 -18.50 21.99 -1.44
CA PHE A 190 -17.46 22.89 -1.89
C PHE A 190 -17.82 23.34 -3.28
N ASN A 191 -17.18 24.40 -3.74
CA ASN A 191 -17.44 24.92 -5.08
C ASN A 191 -16.48 24.35 -6.10
N ARG A 192 -17.05 23.65 -7.10
CA ARG A 192 -16.26 23.15 -8.21
C ARG A 192 -15.70 24.33 -8.98
N PRO A 193 -14.38 24.33 -9.26
CA PRO A 193 -13.78 25.35 -10.13
C PRO A 193 -14.37 25.16 -11.53
N ALA A 194 -14.94 26.22 -12.10
CA ALA A 194 -15.73 26.12 -13.33
C ALA A 194 -14.87 26.26 -14.58
N VAL A 195 -15.32 25.60 -15.67
CA VAL A 195 -14.70 25.67 -17.01
C VAL A 195 -15.41 26.73 -17.85
N GLU A 196 -14.67 27.73 -18.31
CA GLU A 196 -15.26 28.87 -18.99
C GLU A 196 -15.00 28.91 -20.51
N GLN A 197 -16.08 28.97 -21.29
CA GLN A 197 -16.02 29.11 -22.74
C GLN A 197 -15.75 30.56 -23.16
N ASP A 198 -14.54 31.05 -22.90
CA ASP A 198 -14.11 32.32 -23.49
C ASP A 198 -13.59 32.11 -24.93
N GLY A 199 -14.37 32.58 -25.90
CA GLY A 199 -14.08 32.35 -27.31
C GLY A 199 -14.43 30.93 -27.72
N GLU A 200 -13.68 30.42 -28.71
CA GLU A 200 -13.71 29.01 -29.07
C GLU A 200 -12.98 28.17 -28.04
N ALA A 201 -12.07 28.83 -27.32
CA ALA A 201 -11.23 28.19 -26.29
C ALA A 201 -12.02 27.74 -25.04
N LEU A 202 -11.40 26.85 -24.25
CA LEU A 202 -11.93 26.42 -22.95
C LEU A 202 -10.85 26.56 -21.90
N VAL A 203 -11.10 27.45 -20.95
CA VAL A 203 -10.18 27.68 -19.84
C VAL A 203 -10.58 26.72 -18.76
N GLY A 204 -9.61 26.01 -18.22
CA GLY A 204 -9.82 25.20 -17.04
C GLY A 204 -8.54 25.21 -16.25
N VAL A 205 -8.23 24.08 -15.65
CA VAL A 205 -7.10 23.99 -14.75
C VAL A 205 -6.54 22.58 -14.90
N VAL A 206 -5.27 22.40 -14.62
CA VAL A 206 -4.76 21.07 -14.35
C VAL A 206 -5.36 20.70 -13.00
N SER A 207 -6.29 19.75 -13.02
CA SER A 207 -6.96 19.31 -11.81
C SER A 207 -6.18 18.22 -11.08
N ALA A 208 -5.25 17.56 -11.78
CA ALA A 208 -4.30 16.64 -11.14
C ALA A 208 -3.23 16.14 -12.07
N ILE A 209 -2.13 15.68 -11.47
CA ILE A 209 -1.10 14.90 -12.15
C ILE A 209 -1.41 13.40 -11.94
N ASP A 210 -1.37 12.63 -13.02
CA ASP A 210 -1.78 11.25 -12.97
C ASP A 210 -0.57 10.43 -12.57
N HIS A 211 -0.38 10.17 -11.27
CA HIS A 211 0.80 9.42 -10.81
C HIS A 211 0.55 7.92 -10.99
N PRO A 212 1.59 7.11 -11.25
CA PRO A 212 3.02 7.43 -11.34
C PRO A 212 3.53 7.80 -12.74
N PHE A 213 2.62 8.08 -13.68
CA PHE A 213 3.04 8.25 -15.08
C PHE A 213 3.42 9.67 -15.45
N GLY A 214 2.80 10.63 -14.75
CA GLY A 214 3.03 12.02 -15.04
C GLY A 214 2.16 12.52 -16.15
N ASN A 215 1.06 11.81 -16.40
CA ASN A 215 0.04 12.29 -17.30
C ASN A 215 -0.59 13.50 -16.66
N VAL A 216 -1.10 14.43 -17.47
CA VAL A 216 -1.73 15.65 -16.97
C VAL A 216 -3.26 15.69 -17.18
N TRP A 217 -4.01 15.89 -16.08
CA TRP A 217 -5.47 15.88 -16.10
C TRP A 217 -6.10 17.24 -15.84
N THR A 218 -6.99 17.66 -16.73
CA THR A 218 -7.63 18.95 -16.63
C THR A 218 -9.03 18.71 -16.19
N ASN A 219 -9.69 19.74 -15.68
CA ASN A 219 -11.11 19.65 -15.31
C ASN A 219 -12.02 19.94 -16.50
N ILE A 220 -11.45 19.88 -17.70
CA ILE A 220 -12.25 20.13 -18.90
C ILE A 220 -12.83 18.80 -19.38
N HIS A 221 -14.09 18.59 -19.00
CA HIS A 221 -14.80 17.35 -19.24
C HIS A 221 -15.13 17.18 -20.71
N ARG A 222 -15.33 15.94 -21.13
CA ARG A 222 -15.86 15.65 -22.45
C ARG A 222 -16.99 16.62 -22.84
N THR A 223 -18.06 16.64 -22.04
CA THR A 223 -19.22 17.47 -22.35
C THR A 223 -18.82 18.91 -22.62
N ASP A 224 -17.85 19.42 -21.86
CA ASP A 224 -17.28 20.74 -22.09
C ASP A 224 -16.69 20.80 -23.49
N LEU A 225 -16.09 19.69 -23.92
CA LEU A 225 -15.48 19.59 -25.25
C LEU A 225 -16.49 19.42 -26.40
N GLU A 226 -17.47 18.53 -26.23
CA GLU A 226 -18.43 18.25 -27.31
C GLU A 226 -19.42 19.39 -27.55
N LYS A 227 -19.21 20.49 -26.83
CA LYS A 227 -20.03 21.68 -26.91
C LYS A 227 -19.24 22.85 -27.48
N ALA A 228 -17.93 22.66 -27.62
CA ALA A 228 -17.12 23.59 -28.40
C ALA A 228 -16.81 22.97 -29.77
N GLY A 229 -17.40 21.79 -29.99
CA GLY A 229 -17.28 21.03 -31.23
C GLY A 229 -16.46 19.79 -30.99
N ILE A 230 -15.25 20.03 -30.50
CA ILE A 230 -14.18 19.06 -30.23
C ILE A 230 -14.60 17.62 -29.89
N GLY A 231 -14.19 16.69 -30.74
CA GLY A 231 -14.28 15.26 -30.52
C GLY A 231 -13.07 14.62 -31.18
N TYR A 232 -12.89 13.31 -31.03
CA TYR A 232 -11.69 12.66 -31.54
C TYR A 232 -11.33 13.08 -32.97
N GLY A 233 -10.02 13.15 -33.24
CA GLY A 233 -9.51 13.53 -34.54
C GLY A 233 -9.11 14.98 -34.58
N ALA A 234 -9.75 15.78 -33.73
CA ALA A 234 -9.64 17.24 -33.76
C ALA A 234 -8.26 17.76 -33.33
N ARG A 235 -7.69 18.64 -34.14
CA ARG A 235 -6.38 19.20 -33.87
C ARG A 235 -6.50 20.22 -32.76
N LEU A 236 -5.88 19.94 -31.62
CA LEU A 236 -6.05 20.79 -30.46
C LEU A 236 -4.79 21.48 -30.04
N ARG A 237 -4.94 22.74 -29.64
CA ARG A 237 -3.88 23.49 -28.98
C ARG A 237 -4.21 23.58 -27.49
N LEU A 238 -3.35 22.99 -26.66
CA LEU A 238 -3.52 22.96 -25.20
C LEU A 238 -2.37 23.67 -24.51
N THR A 239 -2.70 24.62 -23.63
CA THR A 239 -1.72 25.52 -23.04
C THR A 239 -1.71 25.43 -21.53
N LEU A 240 -0.68 24.81 -20.96
CA LEU A 240 -0.59 24.67 -19.51
C LEU A 240 0.20 25.82 -18.89
N ASP A 241 -0.16 26.22 -17.67
CA ASP A 241 0.54 27.29 -16.92
C ASP A 241 0.58 28.64 -17.66
N GLY A 242 -0.09 28.69 -18.80
CA GLY A 242 -0.23 29.92 -19.53
C GLY A 242 0.90 30.12 -20.51
N VAL A 243 1.95 29.30 -20.39
CA VAL A 243 3.12 29.51 -21.24
C VAL A 243 3.50 28.34 -22.14
N LEU A 244 3.38 27.12 -21.62
CA LEU A 244 3.69 25.90 -22.36
C LEU A 244 2.54 25.55 -23.28
N PRO A 245 2.60 25.91 -24.57
CA PRO A 245 1.54 25.43 -25.46
C PRO A 245 1.85 24.00 -25.91
N PHE A 246 0.87 23.32 -26.53
CA PHE A 246 1.02 21.92 -26.98
C PHE A 246 0.04 21.69 -28.11
N GLU A 247 0.43 20.94 -29.12
CA GLU A 247 -0.48 20.62 -30.20
C GLU A 247 -0.47 19.14 -30.47
N ALA A 248 -1.69 18.61 -30.62
CA ALA A 248 -1.91 17.19 -30.88
C ALA A 248 -3.35 17.04 -31.31
N PRO A 249 -3.66 15.94 -32.01
CA PRO A 249 -5.04 15.67 -32.28
C PRO A 249 -5.58 15.07 -31.01
N LEU A 250 -6.87 15.25 -30.75
CA LEU A 250 -7.55 14.50 -29.70
C LEU A 250 -7.67 13.07 -30.14
N THR A 251 -7.09 12.15 -29.37
CA THR A 251 -7.08 10.73 -29.74
C THR A 251 -7.56 9.86 -28.56
N PRO A 252 -8.10 8.64 -28.84
CA PRO A 252 -8.48 7.69 -27.79
C PRO A 252 -7.40 7.40 -26.75
N THR A 253 -6.14 7.29 -27.18
CA THR A 253 -5.12 6.75 -26.27
C THR A 253 -3.68 7.27 -26.55
N PHE A 254 -2.69 6.72 -25.84
CA PHE A 254 -1.30 7.22 -25.89
C PHE A 254 -0.55 6.85 -27.15
N ALA A 255 -0.60 5.56 -27.54
CA ALA A 255 0.11 5.09 -28.72
C ALA A 255 -0.33 5.81 -30.00
N ASP A 256 -1.47 6.48 -29.96
CA ASP A 256 -1.94 7.28 -31.09
C ASP A 256 -1.00 8.48 -31.39
N ALA A 257 -0.19 8.84 -30.40
CA ALA A 257 0.76 9.93 -30.52
C ALA A 257 1.89 9.57 -31.46
N GLY A 258 2.08 8.29 -31.70
CA GLY A 258 3.12 7.84 -32.60
C GLY A 258 4.32 7.30 -31.85
N GLU A 259 5.45 8.00 -31.97
CA GLU A 259 6.70 7.56 -31.38
C GLU A 259 6.64 7.62 -29.88
N ILE A 260 7.43 6.79 -29.21
CA ILE A 260 7.64 6.95 -27.78
C ILE A 260 8.09 8.40 -27.52
N GLY A 261 7.44 9.08 -26.58
CA GLY A 261 7.82 10.46 -26.21
C GLY A 261 6.89 11.54 -26.74
N ASN A 262 6.25 11.25 -27.89
CA ASN A 262 5.31 12.18 -28.50
C ASN A 262 4.12 12.55 -27.61
N ILE A 263 3.57 13.72 -27.84
CA ILE A 263 2.44 14.22 -27.08
C ILE A 263 1.16 13.57 -27.54
N ALA A 264 0.38 13.11 -26.57
CA ALA A 264 -0.99 12.75 -26.85
C ALA A 264 -1.95 13.67 -26.10
N ILE A 265 -2.90 14.23 -26.83
CA ILE A 265 -4.04 14.85 -26.19
C ILE A 265 -5.18 13.85 -26.34
N TYR A 266 -5.76 13.48 -25.20
CA TYR A 266 -6.73 12.38 -25.08
C TYR A 266 -7.69 12.66 -23.93
N LEU A 267 -8.76 11.86 -23.85
CA LEU A 267 -9.67 11.92 -22.72
C LEU A 267 -9.34 10.80 -21.76
N ASN A 268 -9.01 11.15 -20.52
CA ASN A 268 -8.68 10.18 -19.48
C ASN A 268 -9.85 9.23 -19.11
N SER A 269 -9.59 8.22 -18.30
CA SER A 269 -10.60 7.20 -18.00
C SER A 269 -11.75 7.72 -17.16
N ARG A 270 -11.67 8.99 -16.78
CA ARG A 270 -12.74 9.59 -16.00
C ARG A 270 -13.59 10.55 -16.87
N GLY A 271 -13.28 10.64 -18.17
CA GLY A 271 -14.01 11.50 -19.11
C GLY A 271 -13.39 12.86 -19.42
N TYR A 272 -12.24 13.16 -18.81
CA TYR A 272 -11.67 14.50 -18.85
C TYR A 272 -10.55 14.68 -19.83
N LEU A 273 -10.47 15.88 -20.41
CA LEU A 273 -9.36 16.22 -21.29
C LEU A 273 -8.04 16.15 -20.53
N SER A 274 -7.16 15.36 -21.11
CA SER A 274 -5.86 15.11 -20.52
C SER A 274 -4.77 15.29 -21.55
N ILE A 275 -3.54 15.38 -21.08
CA ILE A 275 -2.36 15.43 -21.96
C ILE A 275 -1.24 14.63 -21.35
N ALA A 276 -0.42 14.05 -22.21
CA ALA A 276 0.66 13.17 -21.79
C ALA A 276 1.70 12.96 -22.92
N ARG A 277 2.73 12.16 -22.60
CA ARG A 277 3.60 11.64 -23.61
C ARG A 277 3.40 10.14 -23.71
N ASN A 278 3.41 9.65 -24.95
CA ASN A 278 3.31 8.23 -25.22
C ASN A 278 4.47 7.50 -24.57
N ALA A 279 4.15 6.68 -23.58
CA ALA A 279 5.15 5.87 -22.86
C ALA A 279 6.32 6.70 -22.32
N ALA A 280 5.97 7.84 -21.74
CA ALA A 280 6.97 8.75 -21.16
C ALA A 280 6.17 9.70 -20.31
N SER A 281 6.83 10.20 -19.26
CA SER A 281 6.22 11.18 -18.39
C SER A 281 6.27 12.60 -18.96
N LEU A 282 5.14 13.28 -18.98
CA LEU A 282 5.08 14.66 -19.45
C LEU A 282 5.24 15.62 -18.27
N ALA A 283 4.58 15.32 -17.15
CA ALA A 283 4.63 16.19 -15.98
C ALA A 283 5.99 16.28 -15.32
N TYR A 284 6.66 15.15 -15.12
CA TYR A 284 7.78 15.09 -14.19
C TYR A 284 9.04 15.80 -14.63
N PRO A 285 9.45 15.62 -15.90
CA PRO A 285 10.62 16.39 -16.32
C PRO A 285 10.39 17.91 -16.25
N TYR A 286 9.14 18.34 -16.50
CA TYR A 286 8.82 19.77 -16.56
C TYR A 286 8.18 20.28 -15.28
N HIS A 287 8.12 19.44 -14.25
CA HIS A 287 7.50 19.82 -12.97
C HIS A 287 6.15 20.50 -13.15
N LEU A 288 5.34 19.94 -14.04
CA LEU A 288 3.99 20.43 -14.23
C LEU A 288 3.24 19.96 -13.02
N LYS A 289 2.30 20.75 -12.54
CA LYS A 289 1.64 20.46 -11.28
C LYS A 289 0.15 20.85 -11.27
N GLU A 290 -0.61 20.18 -10.38
CA GLU A 290 -1.99 20.56 -10.00
C GLU A 290 -2.09 22.07 -9.71
N GLY A 291 -3.11 22.73 -10.23
CA GLY A 291 -3.30 24.16 -9.93
C GLY A 291 -2.89 25.09 -11.07
N MET A 292 -1.99 24.62 -11.92
CA MET A 292 -1.62 25.31 -13.13
C MET A 292 -2.84 25.37 -13.99
N SER A 293 -3.00 26.48 -14.71
CA SER A 293 -4.12 26.69 -15.61
C SER A 293 -4.03 25.73 -16.78
N ALA A 294 -5.07 25.67 -17.58
CA ALA A 294 -5.06 24.87 -18.79
C ALA A 294 -6.15 25.35 -19.72
N ARG A 295 -5.72 25.88 -20.87
CA ARG A 295 -6.57 26.34 -21.97
C ARG A 295 -6.60 25.24 -23.01
N VAL A 296 -7.64 25.19 -23.81
CA VAL A 296 -7.65 24.31 -24.98
C VAL A 296 -8.45 25.01 -26.07
N GLU A 297 -7.95 24.94 -27.31
CA GLU A 297 -8.74 25.33 -28.49
C GLU A 297 -8.29 24.60 -29.73
N ALA A 298 -9.25 24.33 -30.62
CA ALA A 298 -8.91 23.81 -31.93
C ALA A 298 -8.81 24.96 -32.91
N ARG B 8 -11.98 -17.92 9.52
CA ARG B 8 -11.63 -16.47 9.29
C ARG B 8 -10.68 -15.87 10.36
N PRO B 9 -9.52 -16.52 10.64
CA PRO B 9 -8.63 -15.87 11.59
C PRO B 9 -7.79 -14.83 10.86
N ILE B 10 -7.00 -14.09 11.61
CA ILE B 10 -6.37 -12.89 11.07
C ILE B 10 -4.92 -12.73 11.45
N ILE B 11 -4.07 -12.55 10.45
CA ILE B 11 -2.65 -12.23 10.63
C ILE B 11 -2.48 -10.80 10.28
N ALA B 12 -2.06 -10.00 11.26
CA ALA B 12 -1.76 -8.58 11.03
C ALA B 12 -0.27 -8.45 10.84
N PHE B 13 0.10 -7.92 9.69
CA PHE B 13 1.45 -8.07 9.22
C PHE B 13 2.14 -6.72 9.20
N MET B 14 3.32 -6.65 9.81
CA MET B 14 4.10 -5.40 9.89
C MET B 14 5.54 -5.75 9.61
N SER B 15 6.15 -5.01 8.70
CA SER B 15 7.50 -5.32 8.33
C SER B 15 8.14 -4.09 7.75
N ASP B 16 9.39 -4.24 7.33
CA ASP B 16 10.11 -3.18 6.67
C ASP B 16 10.35 -3.59 5.21
N LEU B 17 9.59 -4.55 4.72
CA LEU B 17 9.86 -5.11 3.37
C LEU B 17 9.50 -4.16 2.24
N GLY B 18 8.85 -3.07 2.58
CA GLY B 18 8.50 -2.08 1.57
C GLY B 18 7.30 -2.47 0.76
N THR B 19 6.96 -1.61 -0.19
CA THR B 19 5.79 -1.76 -1.02
C THR B 19 6.25 -1.69 -2.46
N THR B 20 7.51 -2.05 -2.72
CA THR B 20 8.08 -1.84 -4.05
C THR B 20 8.30 -3.14 -4.83
N ASP B 21 8.57 -4.24 -4.14
CA ASP B 21 8.71 -5.50 -4.82
C ASP B 21 7.70 -6.52 -4.31
N ASP B 22 7.89 -7.79 -4.69
CA ASP B 22 6.98 -8.88 -4.34
C ASP B 22 7.29 -9.52 -3.01
N SER B 23 8.21 -8.93 -2.25
CA SER B 23 8.56 -9.43 -0.93
C SER B 23 7.35 -9.71 -0.03
N VAL B 24 6.52 -8.70 0.16
CA VAL B 24 5.39 -8.83 1.04
C VAL B 24 4.51 -9.95 0.53
N ALA B 25 4.22 -9.93 -0.77
CA ALA B 25 3.27 -10.85 -1.39
C ALA B 25 3.75 -12.27 -1.28
N GLN B 26 5.06 -12.45 -1.36
CA GLN B 26 5.62 -13.77 -1.10
C GLN B 26 5.19 -14.27 0.27
N CYS B 27 5.36 -13.46 1.31
CA CYS B 27 4.84 -13.80 2.64
C CYS B 27 3.35 -14.04 2.60
N LYS B 28 2.61 -13.10 2.00
CA LYS B 28 1.18 -13.28 1.88
C LYS B 28 0.85 -14.62 1.22
N GLY B 29 1.51 -14.93 0.12
CA GLY B 29 1.27 -16.20 -0.58
C GLY B 29 1.41 -17.36 0.38
N LEU B 30 2.50 -17.36 1.13
CA LEU B 30 2.72 -18.45 2.09
C LEU B 30 1.63 -18.51 3.14
N MET B 31 1.19 -17.35 3.60
CA MET B 31 0.15 -17.26 4.62
C MET B 31 -1.13 -17.95 4.17
N TYR B 32 -1.55 -17.64 2.95
CA TYR B 32 -2.76 -18.24 2.45
C TYR B 32 -2.56 -19.71 2.21
N SER B 33 -1.36 -20.08 1.77
CA SER B 33 -1.00 -21.48 1.59
C SER B 33 -1.02 -22.29 2.88
N ILE B 34 -0.63 -21.66 3.99
CA ILE B 34 -0.56 -22.40 5.25
C ILE B 34 -1.90 -22.36 5.93
N CYS B 35 -2.54 -21.20 5.89
CA CYS B 35 -3.83 -20.98 6.58
C CYS B 35 -4.89 -20.48 5.59
N PRO B 36 -5.44 -21.39 4.76
CA PRO B 36 -6.31 -21.04 3.63
C PRO B 36 -7.29 -19.91 3.94
N ASP B 37 -7.90 -19.97 5.13
CA ASP B 37 -8.94 -19.07 5.54
C ASP B 37 -8.52 -17.73 6.16
N VAL B 38 -7.22 -17.45 6.06
CA VAL B 38 -6.63 -16.29 6.74
C VAL B 38 -7.14 -15.03 6.11
N THR B 39 -7.34 -14.02 6.92
CA THR B 39 -7.33 -12.67 6.39
C THR B 39 -6.07 -11.98 6.86
N VAL B 40 -5.31 -11.50 5.91
CA VAL B 40 -4.10 -10.78 6.20
C VAL B 40 -4.38 -9.31 6.23
N VAL B 41 -4.07 -8.73 7.37
CA VAL B 41 -4.20 -7.27 7.48
C VAL B 41 -2.82 -6.61 7.46
N ASP B 42 -2.59 -5.77 6.47
CA ASP B 42 -1.37 -4.97 6.40
C ASP B 42 -1.39 -3.95 7.53
N VAL B 43 -0.34 -3.97 8.34
CA VAL B 43 -0.20 -2.97 9.37
C VAL B 43 0.41 -1.80 8.66
N CYS B 44 1.68 -1.99 8.27
CA CYS B 44 2.37 -1.18 7.29
C CYS B 44 3.70 -1.84 7.04
N HIS B 45 4.32 -1.55 5.90
CA HIS B 45 5.56 -2.22 5.56
C HIS B 45 6.63 -1.25 5.18
N SER B 46 6.50 -0.04 5.67
CA SER B 46 7.44 0.98 5.23
C SER B 46 8.01 1.70 6.43
N MET B 47 8.30 0.93 7.48
CA MET B 47 9.08 1.40 8.62
C MET B 47 10.50 1.67 8.13
N THR B 48 11.27 2.52 8.84
CA THR B 48 12.67 2.66 8.51
C THR B 48 13.29 1.31 8.78
N PRO B 49 13.92 0.72 7.75
CA PRO B 49 14.61 -0.55 7.89
C PRO B 49 15.41 -0.65 9.19
N TRP B 50 15.33 -1.81 9.83
CA TRP B 50 16.13 -2.16 11.02
C TRP B 50 15.94 -1.28 12.28
N ASP B 51 15.00 -0.33 12.23
CA ASP B 51 14.72 0.55 13.34
C ASP B 51 13.69 -0.09 14.26
N VAL B 52 14.16 -0.94 15.16
CA VAL B 52 13.29 -1.71 16.05
C VAL B 52 12.39 -0.81 16.91
N GLU B 53 12.93 0.33 17.32
CA GLU B 53 12.20 1.27 18.18
C GLU B 53 10.99 1.84 17.42
N GLU B 54 11.20 2.15 16.14
CA GLU B 54 10.11 2.66 15.30
C GLU B 54 9.08 1.55 15.11
N GLY B 55 9.49 0.40 14.61
CA GLY B 55 8.59 -0.74 14.50
C GLY B 55 7.75 -0.95 15.74
N ALA B 56 8.38 -0.90 16.92
CA ALA B 56 7.67 -1.12 18.16
C ALA B 56 6.44 -0.20 18.29
N ARG B 57 6.63 1.07 17.92
CA ARG B 57 5.57 2.08 17.88
C ARG B 57 4.41 1.61 17.02
N TYR B 58 4.70 0.92 15.94
CA TYR B 58 3.61 0.56 15.04
C TYR B 58 2.86 -0.66 15.47
N ILE B 59 3.38 -1.41 16.44
CA ILE B 59 2.75 -2.67 16.77
C ILE B 59 2.09 -2.74 18.14
N VAL B 60 2.51 -1.84 19.02
CA VAL B 60 2.15 -1.93 20.42
C VAL B 60 0.68 -1.59 20.74
N ASP B 61 0.05 -0.77 19.91
CA ASP B 61 -1.30 -0.34 20.20
C ASP B 61 -2.40 -1.09 19.47
N LEU B 62 -2.02 -2.11 18.71
CA LEU B 62 -2.96 -2.80 17.86
C LEU B 62 -3.95 -3.74 18.58
N PRO B 63 -3.51 -4.43 19.64
CA PRO B 63 -4.37 -5.49 20.13
C PRO B 63 -5.82 -5.13 20.32
N ARG B 64 -6.10 -3.93 20.85
CA ARG B 64 -7.46 -3.53 21.21
C ARG B 64 -8.36 -3.38 19.99
N PHE B 65 -7.73 -3.10 18.87
CA PHE B 65 -8.44 -2.90 17.62
C PHE B 65 -8.88 -4.18 16.92
N PHE B 66 -8.10 -5.26 17.10
CA PHE B 66 -8.36 -6.50 16.37
C PHE B 66 -9.17 -7.52 17.15
N PRO B 67 -9.89 -8.42 16.42
CA PRO B 67 -10.69 -9.39 17.14
C PRO B 67 -9.75 -10.36 17.82
N GLU B 68 -10.13 -10.82 18.99
CA GLU B 68 -9.29 -11.77 19.71
C GLU B 68 -8.92 -12.99 18.84
N GLY B 69 -7.71 -13.51 19.06
CA GLY B 69 -7.14 -14.61 18.28
C GLY B 69 -6.31 -14.12 17.12
N THR B 70 -6.32 -12.80 16.94
CA THR B 70 -5.51 -12.17 15.94
C THR B 70 -4.06 -12.43 16.25
N VAL B 71 -3.26 -12.63 15.17
CA VAL B 71 -1.85 -12.96 15.26
C VAL B 71 -1.07 -11.83 14.64
N PHE B 72 -0.10 -11.27 15.36
CA PHE B 72 0.64 -10.13 14.77
C PHE B 72 2.00 -10.61 14.32
N ALA B 73 2.16 -10.65 12.99
CA ALA B 73 3.45 -10.97 12.40
C ALA B 73 4.16 -9.65 12.20
N THR B 74 5.10 -9.40 13.09
CA THR B 74 5.77 -8.11 13.18
C THR B 74 7.28 -8.29 12.98
N THR B 75 7.84 -7.69 11.94
CA THR B 75 9.25 -7.98 11.66
C THR B 75 10.12 -6.91 11.00
N THR B 76 11.26 -6.67 11.63
CA THR B 76 12.42 -6.15 10.94
C THR B 76 13.58 -7.01 11.43
N TYR B 77 14.32 -7.62 10.49
CA TYR B 77 15.23 -8.71 10.84
C TYR B 77 16.67 -8.54 10.38
N PRO B 78 17.39 -7.53 10.86
CA PRO B 78 18.80 -7.46 10.43
C PRO B 78 19.62 -8.75 10.67
N ALA B 79 19.30 -9.49 11.71
CA ALA B 79 19.99 -10.75 11.98
C ALA B 79 19.53 -11.91 11.10
N THR B 80 18.86 -11.61 9.98
CA THR B 80 18.44 -12.69 9.08
C THR B 80 19.58 -13.56 8.65
N GLY B 81 19.33 -14.86 8.54
CA GLY B 81 20.34 -15.81 8.09
C GLY B 81 21.26 -16.31 9.18
N THR B 82 21.13 -15.77 10.39
CA THR B 82 21.98 -16.21 11.50
C THR B 82 21.23 -17.25 12.29
N THR B 83 21.86 -17.72 13.38
CA THR B 83 21.31 -18.78 14.20
C THR B 83 20.18 -18.25 15.07
N THR B 84 20.08 -16.93 15.21
CA THR B 84 18.98 -16.36 15.99
C THR B 84 17.62 -16.95 15.56
N ARG B 85 16.71 -17.08 16.52
CA ARG B 85 15.37 -17.56 16.21
C ARG B 85 14.34 -16.61 16.80
N SER B 86 13.22 -16.50 16.12
CA SER B 86 12.18 -15.58 16.50
C SER B 86 11.57 -16.00 17.83
N VAL B 87 10.91 -15.06 18.48
CA VAL B 87 10.21 -15.32 19.70
C VAL B 87 8.74 -15.22 19.32
N ALA B 88 7.92 -16.05 19.98
CA ALA B 88 6.48 -16.04 19.82
C ALA B 88 5.88 -15.90 21.22
N VAL B 89 5.24 -14.75 21.48
CA VAL B 89 4.63 -14.52 22.77
C VAL B 89 3.13 -14.42 22.64
N ARG B 90 2.41 -14.95 23.63
CA ARG B 90 1.01 -14.63 23.82
C ARG B 90 0.97 -13.52 24.85
N ILE B 91 0.41 -12.37 24.48
CA ILE B 91 0.34 -11.21 25.40
C ILE B 91 -0.77 -11.33 26.43
N LYS B 92 -0.58 -10.69 27.58
CA LYS B 92 -1.57 -10.69 28.66
C LYS B 92 -2.77 -9.78 28.34
N GLN B 93 -2.68 -8.54 28.80
CA GLN B 93 -3.69 -7.51 28.60
C GLN B 93 -3.73 -7.01 27.18
N ALA B 94 -4.92 -6.84 26.62
CA ALA B 94 -5.04 -6.13 25.35
C ALA B 94 -4.70 -4.66 25.62
N ALA B 95 -4.92 -4.24 26.86
CA ALA B 95 -4.56 -2.91 27.36
C ALA B 95 -5.30 -1.74 26.72
N LYS B 96 -6.17 -1.11 27.51
CA LYS B 96 -6.76 0.17 27.13
C LYS B 96 -5.63 1.09 26.62
N GLY B 97 -5.96 1.98 25.69
CA GLY B 97 -5.00 2.97 25.17
C GLY B 97 -5.68 4.28 24.78
N GLY B 98 -4.88 5.23 24.31
CA GLY B 98 -5.39 6.50 23.77
C GLY B 98 -5.21 7.71 24.66
N ALA B 99 -5.72 8.86 24.21
CA ALA B 99 -5.57 10.15 24.92
C ALA B 99 -6.17 10.18 26.33
N ARG B 100 -7.07 9.22 26.61
CA ARG B 100 -7.82 9.17 27.87
C ARG B 100 -7.67 7.79 28.52
N GLY B 101 -7.39 6.78 27.70
CA GLY B 101 -7.21 5.41 28.16
C GLY B 101 -8.55 4.71 28.20
N GLN B 102 -8.94 4.12 27.07
CA GLN B 102 -10.27 3.56 26.84
C GLN B 102 -10.17 2.32 25.98
N TRP B 103 -11.22 1.50 25.98
CA TRP B 103 -11.33 0.44 24.97
C TRP B 103 -11.68 1.05 23.61
N ALA B 104 -11.23 0.42 22.53
CA ALA B 104 -11.52 0.96 21.21
C ALA B 104 -12.86 0.42 20.76
N GLY B 105 -13.45 1.12 19.80
CA GLY B 105 -14.74 0.73 19.21
C GLY B 105 -15.91 1.66 19.53
N SER B 106 -17.09 1.32 18.99
CA SER B 106 -18.32 2.10 19.21
C SER B 106 -18.85 1.87 20.60
N GLY B 107 -19.80 2.69 20.99
CA GLY B 107 -20.32 2.65 22.37
C GLY B 107 -19.18 2.82 23.38
N ALA B 108 -19.14 1.97 24.38
CA ALA B 108 -18.08 2.05 25.40
C ALA B 108 -16.83 1.33 24.93
N GLY B 109 -16.83 0.87 23.68
CA GLY B 109 -15.67 0.18 23.12
C GLY B 109 -15.75 -1.30 23.36
N PHE B 110 -14.83 -2.03 22.72
CA PHE B 110 -14.83 -3.49 22.76
C PHE B 110 -13.79 -4.01 23.76
N GLU B 111 -14.24 -4.41 24.95
CA GLU B 111 -13.34 -5.02 25.91
C GLU B 111 -12.83 -6.33 25.33
N ARG B 112 -11.53 -6.53 25.48
CA ARG B 112 -10.82 -7.68 24.93
C ARG B 112 -10.24 -8.54 26.06
N ALA B 113 -10.73 -9.77 26.17
CA ALA B 113 -10.19 -10.74 27.10
C ALA B 113 -8.66 -10.76 27.07
N GLU B 114 -8.04 -11.09 28.19
CA GLU B 114 -6.60 -11.35 28.17
C GLU B 114 -6.23 -12.65 27.45
N GLY B 115 -4.93 -12.80 27.18
CA GLY B 115 -4.37 -14.02 26.58
C GLY B 115 -4.86 -14.30 25.18
N SER B 116 -5.29 -13.25 24.48
CA SER B 116 -6.08 -13.35 23.26
C SER B 116 -5.35 -12.96 21.97
N TYR B 117 -4.05 -12.63 22.06
CA TYR B 117 -3.28 -12.23 20.91
C TYR B 117 -1.87 -12.79 21.02
N ILE B 118 -1.34 -13.21 19.87
CA ILE B 118 0.03 -13.69 19.82
C ILE B 118 0.82 -12.76 18.93
N TYR B 119 2.03 -12.45 19.37
CA TYR B 119 3.01 -11.73 18.55
C TYR B 119 4.14 -12.65 18.16
N ILE B 120 4.58 -12.49 16.93
CA ILE B 120 5.67 -13.31 16.46
C ILE B 120 6.65 -12.39 15.76
N ALA B 121 7.88 -12.45 16.22
CA ALA B 121 8.84 -11.47 15.80
C ALA B 121 10.25 -11.97 15.99
N PRO B 122 11.21 -11.31 15.34
CA PRO B 122 12.61 -11.59 15.58
C PRO B 122 12.83 -11.35 17.06
N ASN B 123 13.69 -12.15 17.69
CA ASN B 123 14.05 -11.87 19.06
C ASN B 123 15.12 -10.80 19.13
N ASN B 124 14.84 -9.63 18.55
CA ASN B 124 15.80 -8.53 18.52
C ASN B 124 15.40 -7.28 19.30
N GLY B 125 14.19 -7.27 19.85
CA GLY B 125 13.76 -6.20 20.75
C GLY B 125 12.55 -5.51 20.21
N LEU B 126 12.06 -5.96 19.06
CA LEU B 126 10.88 -5.33 18.47
C LEU B 126 9.67 -5.34 19.40
N LEU B 127 9.54 -6.36 20.24
CA LEU B 127 8.35 -6.47 21.06
C LEU B 127 8.54 -5.89 22.46
N THR B 128 9.54 -5.02 22.61
CA THR B 128 9.90 -4.42 23.91
C THR B 128 8.69 -3.77 24.54
N THR B 129 8.15 -2.77 23.85
CA THR B 129 6.99 -1.98 24.32
C THR B 129 5.75 -2.84 24.48
N VAL B 130 5.56 -3.77 23.53
CA VAL B 130 4.46 -4.72 23.57
C VAL B 130 4.47 -5.38 24.93
N LEU B 131 5.60 -5.98 25.26
CA LEU B 131 5.69 -6.81 26.46
C LEU B 131 5.53 -5.96 27.70
N GLU B 132 5.98 -4.71 27.62
CA GLU B 132 5.97 -3.89 28.78
C GLU B 132 4.60 -3.24 29.02
N GLU B 133 3.86 -2.97 27.94
CA GLU B 133 2.51 -2.41 28.10
C GLU B 133 1.41 -3.45 28.19
N HIS B 134 1.67 -4.66 27.69
CA HIS B 134 0.65 -5.68 27.68
C HIS B 134 0.98 -6.84 28.58
N GLY B 135 2.24 -6.97 28.95
CA GLY B 135 2.69 -8.18 29.68
C GLY B 135 2.58 -9.42 28.80
N TYR B 136 3.02 -10.56 29.31
CA TYR B 136 2.85 -11.81 28.59
C TYR B 136 2.58 -13.02 29.45
N LEU B 137 1.88 -13.98 28.87
CA LEU B 137 1.56 -15.21 29.59
C LEU B 137 2.62 -16.26 29.33
N GLU B 138 3.17 -16.27 28.11
CA GLU B 138 4.05 -17.35 27.67
C GLU B 138 4.81 -16.98 26.43
N ALA B 139 6.08 -17.39 26.37
CA ALA B 139 6.98 -16.99 25.29
C ALA B 139 7.77 -18.20 24.80
N TYR B 140 8.03 -18.24 23.49
CA TYR B 140 8.61 -19.41 22.88
C TYR B 140 9.56 -19.13 21.72
N GLU B 141 10.65 -19.88 21.71
CA GLU B 141 11.57 -19.82 20.60
C GLU B 141 10.95 -20.53 19.43
N VAL B 142 10.89 -19.85 18.29
CA VAL B 142 10.32 -20.46 17.11
C VAL B 142 11.36 -21.32 16.42
N THR B 143 11.46 -22.58 16.81
CA THR B 143 12.50 -23.48 16.25
C THR B 143 11.97 -24.70 15.51
N SER B 144 10.67 -24.99 15.60
CA SER B 144 10.16 -26.24 15.06
C SER B 144 10.18 -26.24 13.55
N PRO B 145 10.55 -27.38 12.96
CA PRO B 145 10.50 -27.53 11.52
C PRO B 145 9.07 -27.57 11.03
N LYS B 146 8.13 -27.65 11.97
CA LYS B 146 6.74 -27.70 11.64
C LYS B 146 6.20 -26.33 11.29
N VAL B 147 6.95 -25.29 11.63
CA VAL B 147 6.50 -23.90 11.44
C VAL B 147 7.53 -22.98 10.78
N ILE B 148 8.77 -23.43 10.68
CA ILE B 148 9.77 -22.70 9.91
C ILE B 148 10.33 -23.67 8.86
N PRO B 149 10.97 -23.14 7.80
CA PRO B 149 11.61 -24.01 6.80
C PRO B 149 12.74 -24.82 7.39
N GLU B 150 13.06 -25.92 6.72
CA GLU B 150 14.24 -26.72 7.05
C GLU B 150 15.48 -26.07 6.46
N GLN B 151 15.34 -25.40 5.33
CA GLN B 151 16.42 -24.56 4.84
C GLN B 151 15.93 -23.13 4.64
N PRO B 152 15.90 -22.37 5.72
CA PRO B 152 15.43 -21.02 5.57
C PRO B 152 16.33 -20.24 4.62
N GLU B 153 15.70 -19.39 3.82
CA GLU B 153 16.43 -18.47 2.95
C GLU B 153 17.26 -17.59 3.85
N PRO B 154 18.59 -17.66 3.72
CA PRO B 154 19.46 -16.83 4.55
C PRO B 154 19.01 -15.36 4.71
N THR B 155 18.62 -14.65 3.64
CA THR B 155 18.33 -13.20 3.76
C THR B 155 16.87 -12.84 4.07
N PHE B 156 16.00 -13.85 4.07
CA PHE B 156 14.57 -13.54 4.10
C PHE B 156 13.92 -14.18 5.31
N TYR B 157 14.54 -13.99 6.48
CA TYR B 157 13.99 -14.48 7.74
C TYR B 157 12.68 -13.83 8.12
N SER B 158 12.32 -12.72 7.51
CA SER B 158 11.00 -12.12 7.75
C SER B 158 9.94 -13.07 7.24
N ARG B 159 10.23 -13.65 6.07
CA ARG B 159 9.33 -14.59 5.45
C ARG B 159 9.41 -15.90 6.20
N GLU B 160 10.63 -16.39 6.44
CA GLU B 160 10.77 -17.76 6.89
C GLU B 160 10.58 -17.93 8.38
N MET B 161 10.96 -16.94 9.17
CA MET B 161 10.92 -17.07 10.63
C MET B 161 9.80 -16.20 11.22
N VAL B 162 8.96 -15.63 10.36
CA VAL B 162 7.84 -14.84 10.86
C VAL B 162 6.56 -15.12 10.10
N ALA B 163 6.52 -14.79 8.81
CA ALA B 163 5.28 -14.92 8.06
C ALA B 163 4.82 -16.37 8.09
N ILE B 164 5.70 -17.26 7.66
CA ILE B 164 5.38 -18.68 7.65
C ILE B 164 4.83 -19.12 8.99
N PRO B 165 5.63 -19.00 10.07
CA PRO B 165 5.04 -19.45 11.36
C PRO B 165 3.80 -18.67 11.86
N SER B 166 3.68 -17.40 11.49
CA SER B 166 2.54 -16.63 11.97
C SER B 166 1.27 -17.30 11.44
N ALA B 167 1.44 -17.90 10.26
CA ALA B 167 0.40 -18.56 9.52
C ALA B 167 0.01 -19.87 10.18
N HIS B 168 1.00 -20.61 10.68
CA HIS B 168 0.72 -21.87 11.36
C HIS B 168 -0.04 -21.53 12.63
N LEU B 169 0.31 -20.42 13.27
CA LEU B 169 -0.33 -20.08 14.52
C LEU B 169 -1.74 -19.55 14.27
N ALA B 170 -1.92 -18.82 13.19
CA ALA B 170 -3.24 -18.45 12.80
C ALA B 170 -4.06 -19.67 12.50
N ALA B 171 -3.41 -20.70 11.99
CA ALA B 171 -4.11 -21.92 11.58
C ALA B 171 -4.38 -22.88 12.73
N GLY B 172 -4.10 -22.42 13.96
CA GLY B 172 -4.34 -23.23 15.13
C GLY B 172 -3.19 -24.05 15.64
N PHE B 173 -2.00 -23.86 15.08
CA PHE B 173 -0.84 -24.62 15.56
C PHE B 173 -0.56 -24.22 17.02
N PRO B 174 -0.53 -25.20 17.94
CA PRO B 174 -0.35 -24.84 19.37
C PRO B 174 0.92 -24.06 19.61
N LEU B 175 0.77 -22.86 20.17
CA LEU B 175 1.89 -21.93 20.40
C LEU B 175 3.08 -22.60 21.04
N SER B 176 2.83 -23.38 22.10
CA SER B 176 3.92 -23.98 22.90
C SER B 176 4.66 -25.10 22.20
N GLU B 177 4.29 -25.38 20.95
CA GLU B 177 5.01 -26.41 20.20
C GLU B 177 5.91 -25.86 19.11
N VAL B 178 6.07 -24.54 19.07
CA VAL B 178 6.96 -23.87 18.11
C VAL B 178 8.44 -23.99 18.49
N GLY B 179 8.68 -24.17 19.78
CA GLY B 179 10.03 -24.34 20.32
C GLY B 179 9.98 -24.19 21.82
N ARG B 180 11.12 -24.41 22.48
CA ARG B 180 11.18 -24.42 23.95
C ARG B 180 10.74 -23.08 24.55
N PRO B 181 10.23 -23.11 25.80
CA PRO B 181 9.90 -21.83 26.44
C PRO B 181 11.14 -20.97 26.60
N LEU B 182 10.99 -19.67 26.46
CA LEU B 182 12.09 -18.76 26.80
C LEU B 182 11.88 -18.15 28.18
N GLU B 183 12.93 -18.15 28.98
CA GLU B 183 12.95 -17.36 30.21
C GLU B 183 13.00 -15.88 29.86
N ASP B 184 12.58 -15.03 30.79
CA ASP B 184 12.43 -13.61 30.51
C ASP B 184 13.74 -13.01 29.99
N HIS B 185 14.84 -13.22 30.71
CA HIS B 185 16.12 -12.57 30.33
C HIS B 185 16.58 -12.92 28.91
N GLU B 186 15.97 -13.96 28.31
CA GLU B 186 16.33 -14.33 26.94
C GLU B 186 15.55 -13.60 25.86
N ILE B 187 14.48 -12.90 26.27
CA ILE B 187 13.76 -12.04 25.35
C ILE B 187 14.48 -10.72 25.32
N VAL B 188 15.17 -10.48 24.22
CA VAL B 188 15.92 -9.25 24.04
C VAL B 188 15.05 -8.02 24.21
N ARG B 189 15.60 -7.06 24.94
CA ARG B 189 14.90 -5.82 25.22
C ARG B 189 15.78 -4.70 24.71
N PHE B 190 15.17 -3.66 24.18
CA PHE B 190 15.92 -2.43 24.01
C PHE B 190 15.53 -1.44 25.12
N ASN B 191 16.32 -0.39 25.27
CA ASN B 191 16.07 0.56 26.34
C ASN B 191 15.29 1.76 25.83
N ARG B 192 14.13 1.97 26.42
CA ARG B 192 13.31 3.09 26.03
C ARG B 192 13.99 4.35 26.52
N PRO B 193 14.14 5.36 25.62
CA PRO B 193 14.66 6.67 26.03
C PRO B 193 13.73 7.26 27.07
N ALA B 194 14.27 7.62 28.23
CA ALA B 194 13.44 8.05 29.36
C ALA B 194 13.12 9.55 29.34
N VAL B 195 11.96 9.89 29.87
CA VAL B 195 11.48 11.27 30.10
C VAL B 195 11.90 11.78 31.49
N GLU B 196 12.65 12.88 31.55
CA GLU B 196 13.22 13.38 32.81
C GLU B 196 12.58 14.66 33.35
N GLN B 197 12.07 14.58 34.58
CA GLN B 197 11.50 15.73 35.32
C GLN B 197 12.57 16.69 35.84
N ASP B 198 13.27 17.37 34.95
CA ASP B 198 14.22 18.40 35.35
C ASP B 198 13.45 19.73 35.57
N GLY B 199 13.24 20.08 36.84
CA GLY B 199 12.38 21.23 37.22
C GLY B 199 10.90 20.91 37.10
N GLU B 200 10.08 21.93 36.79
CA GLU B 200 8.68 21.72 36.42
C GLU B 200 8.62 21.17 34.99
N ALA B 201 9.69 21.38 34.23
CA ALA B 201 9.76 20.98 32.82
C ALA B 201 9.79 19.46 32.63
N LEU B 202 9.59 19.00 31.39
CA LEU B 202 9.72 17.59 31.09
C LEU B 202 10.51 17.43 29.80
N VAL B 203 11.71 16.87 29.93
CA VAL B 203 12.64 16.72 28.83
C VAL B 203 12.32 15.39 28.19
N GLY B 204 12.10 15.40 26.89
CA GLY B 204 11.92 14.17 26.14
C GLY B 204 12.50 14.39 24.78
N VAL B 205 11.83 13.79 23.80
CA VAL B 205 12.38 13.71 22.49
C VAL B 205 11.21 13.71 21.52
N VAL B 206 11.41 14.24 20.33
CA VAL B 206 10.48 13.98 19.26
C VAL B 206 10.69 12.52 18.88
N SER B 207 9.70 11.70 19.24
CA SER B 207 9.70 10.23 19.03
C SER B 207 9.36 9.86 17.59
N ALA B 208 8.61 10.72 16.91
CA ALA B 208 8.23 10.52 15.51
C ALA B 208 7.66 11.79 14.87
N ILE B 209 7.69 11.81 13.52
CA ILE B 209 6.88 12.72 12.73
C ILE B 209 5.64 11.93 12.27
N ASP B 210 4.46 12.51 12.49
CA ASP B 210 3.24 11.81 12.16
C ASP B 210 2.90 12.03 10.68
N HIS B 211 3.30 11.08 9.82
CA HIS B 211 3.05 11.23 8.39
C HIS B 211 1.63 10.77 8.09
N PRO B 212 0.98 11.39 7.08
CA PRO B 212 1.53 12.38 6.14
C PRO B 212 1.22 13.83 6.51
N PHE B 213 0.86 14.08 7.77
CA PHE B 213 0.42 15.41 8.16
C PHE B 213 1.52 16.32 8.63
N GLY B 214 2.57 15.72 9.18
CA GLY B 214 3.66 16.53 9.70
C GLY B 214 3.46 16.94 11.12
N ASN B 215 2.54 16.29 11.81
CA ASN B 215 2.40 16.51 13.24
C ASN B 215 3.66 15.99 13.93
N VAL B 216 3.95 16.52 15.10
CA VAL B 216 5.12 16.14 15.87
C VAL B 216 4.73 15.37 17.12
N TRP B 217 5.28 14.18 17.27
CA TRP B 217 4.99 13.35 18.45
C TRP B 217 6.18 13.21 19.39
N THR B 218 5.96 13.44 20.68
CA THR B 218 7.02 13.28 21.67
C THR B 218 6.80 11.98 22.46
N ASN B 219 7.85 11.47 23.07
CA ASN B 219 7.74 10.39 24.04
C ASN B 219 7.28 10.87 25.40
N ILE B 220 6.73 12.08 25.48
CA ILE B 220 6.18 12.59 26.73
C ILE B 220 4.73 12.13 26.82
N HIS B 221 4.53 11.03 27.54
CA HIS B 221 3.22 10.42 27.74
C HIS B 221 2.34 11.26 28.65
N ARG B 222 1.03 11.09 28.51
CA ARG B 222 0.09 11.74 29.42
C ARG B 222 0.48 11.57 30.91
N THR B 223 0.70 10.34 31.36
CA THR B 223 1.12 10.06 32.75
C THR B 223 2.28 10.94 33.18
N ASP B 224 3.29 11.08 32.31
CA ASP B 224 4.39 12.00 32.57
C ASP B 224 3.85 13.42 32.76
N LEU B 225 2.75 13.73 32.08
CA LEU B 225 2.14 15.05 32.10
C LEU B 225 1.33 15.30 33.34
N GLU B 226 0.47 14.34 33.65
CA GLU B 226 -0.46 14.46 34.76
C GLU B 226 0.24 14.41 36.13
N LYS B 227 1.56 14.30 36.12
CA LYS B 227 2.35 14.32 37.35
C LYS B 227 3.25 15.54 37.41
N ALA B 228 3.24 16.34 36.34
CA ALA B 228 3.82 17.68 36.41
C ALA B 228 2.70 18.70 36.60
N GLY B 229 1.48 18.15 36.66
CA GLY B 229 0.24 18.91 36.84
C GLY B 229 -0.55 18.89 35.56
N ILE B 230 0.11 19.32 34.49
CA ILE B 230 -0.45 19.46 33.14
C ILE B 230 -1.61 18.53 32.75
N GLY B 231 -2.77 19.13 32.49
CA GLY B 231 -3.88 18.49 31.79
C GLY B 231 -4.53 19.54 30.90
N TYR B 232 -5.58 19.17 30.17
CA TYR B 232 -6.23 20.08 29.21
C TYR B 232 -6.49 21.48 29.76
N GLY B 233 -6.33 22.47 28.89
CA GLY B 233 -6.50 23.87 29.28
C GLY B 233 -5.21 24.59 29.61
N ALA B 234 -4.22 23.84 30.09
CA ALA B 234 -2.95 24.40 30.56
C ALA B 234 -2.13 25.05 29.46
N ARG B 235 -1.59 26.21 29.75
CA ARG B 235 -0.74 26.87 28.79
C ARG B 235 0.64 26.28 28.87
N LEU B 236 1.08 25.74 27.76
CA LEU B 236 2.34 25.03 27.72
C LEU B 236 3.34 25.71 26.80
N ARG B 237 4.59 25.69 27.23
CA ARG B 237 5.71 26.00 26.37
C ARG B 237 6.33 24.67 25.96
N LEU B 238 6.38 24.42 24.65
CA LEU B 238 7.02 23.24 24.10
C LEU B 238 8.15 23.66 23.19
N THR B 239 9.31 23.01 23.36
CA THR B 239 10.55 23.47 22.73
C THR B 239 11.25 22.33 22.03
N LEU B 240 11.14 22.35 20.70
CA LEU B 240 11.77 21.35 19.89
C LEU B 240 13.18 21.79 19.49
N ASP B 241 14.08 20.81 19.32
CA ASP B 241 15.43 21.01 18.78
C ASP B 241 16.29 21.85 19.71
N GLY B 242 15.70 22.24 20.84
CA GLY B 242 16.39 23.13 21.75
C GLY B 242 16.18 24.60 21.45
N VAL B 243 15.81 24.95 20.22
CA VAL B 243 15.66 26.39 19.96
C VAL B 243 14.31 26.89 19.51
N LEU B 244 13.50 26.04 18.89
CA LEU B 244 12.15 26.41 18.46
C LEU B 244 11.22 26.34 19.63
N PRO B 245 10.99 27.46 20.34
CA PRO B 245 9.97 27.29 21.39
C PRO B 245 8.60 27.33 20.75
N PHE B 246 7.55 27.13 21.56
CA PHE B 246 6.16 26.98 21.09
C PHE B 246 5.17 27.17 22.22
N GLU B 247 4.16 27.99 22.00
CA GLU B 247 3.21 28.24 23.07
C GLU B 247 1.78 28.03 22.63
N ALA B 248 1.06 27.28 23.44
CA ALA B 248 -0.32 26.87 23.14
C ALA B 248 -0.95 26.23 24.39
N PRO B 249 -2.26 26.31 24.50
CA PRO B 249 -2.81 25.58 25.62
C PRO B 249 -2.91 24.10 25.20
N LEU B 250 -2.79 23.17 26.14
CA LEU B 250 -2.96 21.74 25.80
C LEU B 250 -4.42 21.54 25.50
N THR B 251 -4.73 21.08 24.29
CA THR B 251 -6.14 20.91 23.94
C THR B 251 -6.44 19.51 23.34
N PRO B 252 -7.73 19.10 23.32
CA PRO B 252 -8.04 17.79 22.81
C PRO B 252 -7.65 17.57 21.35
N THR B 253 -7.81 18.59 20.52
CA THR B 253 -7.69 18.39 19.09
C THR B 253 -7.04 19.58 18.33
N PHE B 254 -7.04 19.52 16.99
CA PHE B 254 -6.39 20.50 16.15
C PHE B 254 -7.16 21.79 16.03
N ALA B 255 -8.42 21.68 15.61
CA ALA B 255 -9.28 22.83 15.43
C ALA B 255 -9.36 23.73 16.68
N ASP B 256 -8.96 23.20 17.84
CA ASP B 256 -8.94 24.02 19.05
C ASP B 256 -7.91 25.14 18.97
N ALA B 257 -6.99 25.04 18.00
CA ALA B 257 -5.95 26.05 17.81
C ALA B 257 -6.53 27.33 17.22
N GLY B 258 -7.72 27.23 16.66
CA GLY B 258 -8.36 28.38 16.09
C GLY B 258 -8.24 28.38 14.58
N GLU B 259 -7.56 29.38 14.03
CA GLU B 259 -7.52 29.46 12.58
C GLU B 259 -6.64 28.39 11.98
N ILE B 260 -6.85 28.10 10.70
CA ILE B 260 -5.94 27.18 10.00
C ILE B 260 -4.51 27.71 10.09
N GLY B 261 -3.57 26.81 10.38
CA GLY B 261 -2.18 27.20 10.52
C GLY B 261 -1.70 27.34 11.96
N ASN B 262 -2.59 27.81 12.86
CA ASN B 262 -2.32 27.88 14.30
C ASN B 262 -1.73 26.61 14.92
N ILE B 263 -0.88 26.80 15.93
CA ILE B 263 -0.28 25.69 16.66
C ILE B 263 -1.29 25.08 17.65
N ALA B 264 -1.37 23.77 17.64
CA ALA B 264 -2.07 23.05 18.70
C ALA B 264 -1.09 22.18 19.49
N ILE B 265 -1.04 22.37 20.82
CA ILE B 265 -0.41 21.34 21.64
C ILE B 265 -1.54 20.47 22.19
N TYR B 266 -1.40 19.18 21.96
CA TYR B 266 -2.43 18.19 22.23
C TYR B 266 -1.83 16.82 22.52
N LEU B 267 -2.67 15.90 22.99
CA LEU B 267 -2.25 14.49 23.16
C LEU B 267 -2.63 13.68 21.96
N ASN B 268 -1.66 13.02 21.33
CA ASN B 268 -1.97 12.18 20.18
C ASN B 268 -2.85 10.95 20.52
N SER B 269 -3.26 10.21 19.51
CA SER B 269 -4.17 9.08 19.74
C SER B 269 -3.52 7.92 20.45
N ARG B 270 -2.26 8.06 20.83
CA ARG B 270 -1.56 7.00 21.52
C ARG B 270 -1.32 7.38 22.94
N GLY B 271 -1.74 8.60 23.29
CA GLY B 271 -1.63 9.11 24.66
C GLY B 271 -0.50 10.09 24.86
N TYR B 272 0.25 10.37 23.80
CA TYR B 272 1.47 11.16 23.93
C TYR B 272 1.34 12.64 23.62
N LEU B 273 2.13 13.44 24.32
CA LEU B 273 2.18 14.87 24.05
C LEU B 273 2.72 15.10 22.63
N SER B 274 1.97 15.92 21.89
CA SER B 274 2.26 16.17 20.49
C SER B 274 1.98 17.61 20.17
N ILE B 275 2.50 18.04 19.03
CA ILE B 275 2.34 19.42 18.55
C ILE B 275 2.22 19.42 17.01
N ALA B 276 1.48 20.40 16.50
CA ALA B 276 1.10 20.41 15.11
C ALA B 276 0.50 21.75 14.79
N ARG B 277 0.10 21.89 13.55
CA ARG B 277 -0.64 23.05 13.12
C ARG B 277 -2.02 22.60 12.71
N ASN B 278 -3.00 23.45 13.01
CA ASN B 278 -4.38 23.19 12.66
C ASN B 278 -4.54 23.16 11.14
N ALA B 279 -4.84 21.99 10.59
CA ALA B 279 -5.01 21.81 9.15
C ALA B 279 -3.85 22.41 8.36
N ALA B 280 -2.64 22.10 8.80
CA ALA B 280 -1.42 22.50 8.14
C ALA B 280 -0.29 21.65 8.72
N SER B 281 0.78 21.50 7.96
CA SER B 281 1.89 20.71 8.43
C SER B 281 2.86 21.54 9.27
N LEU B 282 3.22 21.02 10.44
CA LEU B 282 4.19 21.71 11.30
C LEU B 282 5.59 21.29 10.95
N ALA B 283 5.76 19.98 10.80
CA ALA B 283 7.08 19.41 10.65
C ALA B 283 7.72 19.65 9.28
N TYR B 284 6.92 19.64 8.22
CA TYR B 284 7.48 19.59 6.87
C TYR B 284 8.10 20.91 6.43
N PRO B 285 7.38 22.05 6.51
CA PRO B 285 8.04 23.27 6.09
C PRO B 285 9.34 23.56 6.83
N TYR B 286 9.40 23.20 8.11
CA TYR B 286 10.59 23.46 8.93
C TYR B 286 11.52 22.23 9.15
N HIS B 287 11.28 21.14 8.41
CA HIS B 287 12.18 19.99 8.42
C HIS B 287 12.43 19.57 9.87
N LEU B 288 11.37 19.52 10.65
CA LEU B 288 11.48 19.01 12.00
C LEU B 288 11.49 17.50 11.87
N LYS B 289 12.35 16.87 12.67
CA LYS B 289 12.64 15.45 12.50
C LYS B 289 12.68 14.78 13.87
N GLU B 290 12.23 13.53 13.92
CA GLU B 290 12.32 12.73 15.11
C GLU B 290 13.71 12.82 15.73
N GLY B 291 13.79 12.97 17.04
CA GLY B 291 15.08 12.94 17.74
C GLY B 291 15.53 14.26 18.37
N MET B 292 14.90 15.35 17.93
CA MET B 292 15.12 16.62 18.57
C MET B 292 14.58 16.60 20.02
N SER B 293 15.25 17.33 20.90
CA SER B 293 14.79 17.45 22.27
C SER B 293 13.36 17.98 22.27
N ALA B 294 12.63 17.64 23.32
CA ALA B 294 11.28 18.12 23.53
C ALA B 294 11.00 18.26 25.02
N ARG B 295 10.37 19.39 25.36
CA ARG B 295 10.25 19.84 26.72
C ARG B 295 8.89 20.49 26.90
N VAL B 296 8.29 20.30 28.05
CA VAL B 296 7.00 20.91 28.32
C VAL B 296 7.00 21.37 29.78
N GLU B 297 6.23 22.42 30.06
CA GLU B 297 6.09 22.99 31.40
C GLU B 297 4.91 23.96 31.46
N ALA B 298 4.48 24.30 32.68
CA ALA B 298 3.37 25.23 32.89
C ALA B 298 3.81 26.71 32.83
N ARG C 8 -10.95 -21.25 -2.51
CA ARG C 8 -11.00 -19.78 -2.26
C ARG C 8 -10.07 -19.14 -3.26
N PRO C 9 -10.60 -18.70 -4.40
CA PRO C 9 -9.80 -18.25 -5.52
C PRO C 9 -9.00 -17.01 -5.17
N ILE C 10 -7.74 -16.96 -5.61
CA ILE C 10 -6.88 -15.86 -5.32
C ILE C 10 -6.36 -15.21 -6.60
N ILE C 11 -6.52 -13.91 -6.70
CA ILE C 11 -5.98 -13.13 -7.78
C ILE C 11 -4.82 -12.37 -7.18
N ALA C 12 -3.62 -12.57 -7.71
CA ALA C 12 -2.47 -11.83 -7.23
C ALA C 12 -2.14 -10.73 -8.24
N PHE C 13 -2.14 -9.51 -7.77
CA PHE C 13 -2.26 -8.35 -8.62
C PHE C 13 -0.98 -7.56 -8.63
N MET C 14 -0.45 -7.29 -9.81
CA MET C 14 0.79 -6.51 -9.96
C MET C 14 0.58 -5.56 -11.10
N SER C 15 0.91 -4.30 -10.87
CA SER C 15 0.64 -3.29 -11.85
C SER C 15 1.55 -2.13 -11.62
N ASP C 16 1.41 -1.12 -12.47
CA ASP C 16 2.13 0.13 -12.28
C ASP C 16 1.12 1.24 -12.00
N LEU C 17 -0.07 0.87 -11.55
CA LEU C 17 -1.18 1.83 -11.32
C LEU C 17 -0.90 2.81 -10.18
N GLY C 18 0.13 2.48 -9.40
CA GLY C 18 0.44 3.26 -8.23
C GLY C 18 -0.54 3.04 -7.11
N THR C 19 -0.32 3.82 -6.06
CA THR C 19 -1.03 3.77 -4.81
C THR C 19 -1.56 5.16 -4.51
N THR C 20 -1.72 6.01 -5.51
CA THR C 20 -2.18 7.36 -5.21
C THR C 20 -3.61 7.70 -5.57
N ASP C 21 -4.21 7.00 -6.51
CA ASP C 21 -5.62 7.24 -6.77
C ASP C 21 -6.42 5.96 -6.67
N ASP C 22 -7.64 5.97 -7.18
CA ASP C 22 -8.57 4.86 -7.05
C ASP C 22 -8.40 3.80 -8.12
N SER C 23 -7.37 3.97 -8.95
CA SER C 23 -7.09 3.05 -10.05
C SER C 23 -7.16 1.59 -9.68
N VAL C 24 -6.31 1.18 -8.77
CA VAL C 24 -6.26 -0.17 -8.30
C VAL C 24 -7.62 -0.66 -7.78
N ALA C 25 -8.24 0.13 -6.93
CA ALA C 25 -9.50 -0.21 -6.31
C ALA C 25 -10.58 -0.44 -7.35
N GLN C 26 -10.49 0.30 -8.46
CA GLN C 26 -11.45 0.14 -9.54
C GLN C 26 -11.37 -1.28 -10.03
N CYS C 27 -10.14 -1.71 -10.32
CA CYS C 27 -9.83 -3.09 -10.65
C CYS C 27 -10.34 -4.06 -9.57
N LYS C 28 -10.04 -3.76 -8.30
CA LYS C 28 -10.42 -4.64 -7.21
C LYS C 28 -11.93 -4.75 -7.10
N GLY C 29 -12.61 -3.63 -7.32
CA GLY C 29 -14.08 -3.62 -7.29
C GLY C 29 -14.60 -4.60 -8.32
N LEU C 30 -14.07 -4.50 -9.52
CA LEU C 30 -14.50 -5.36 -10.59
C LEU C 30 -14.22 -6.82 -10.26
N MET C 31 -13.06 -7.07 -9.64
CA MET C 31 -12.64 -8.41 -9.29
C MET C 31 -13.65 -9.04 -8.34
N TYR C 32 -13.98 -8.34 -7.26
CA TYR C 32 -14.98 -8.84 -6.33
C TYR C 32 -16.34 -9.01 -7.01
N SER C 33 -16.71 -8.09 -7.89
CA SER C 33 -17.97 -8.19 -8.68
C SER C 33 -18.02 -9.39 -9.61
N ILE C 34 -16.88 -9.77 -10.19
CA ILE C 34 -16.89 -10.92 -11.12
C ILE C 34 -16.76 -12.24 -10.38
N CYS C 35 -15.96 -12.23 -9.32
CA CYS C 35 -15.62 -13.40 -8.55
C CYS C 35 -15.84 -13.13 -7.05
N PRO C 36 -17.10 -13.17 -6.58
CA PRO C 36 -17.48 -12.76 -5.21
C PRO C 36 -16.53 -13.26 -4.10
N ASP C 37 -16.06 -14.51 -4.26
CA ASP C 37 -15.25 -15.23 -3.28
C ASP C 37 -13.77 -14.92 -3.30
N VAL C 38 -13.37 -14.00 -4.17
CA VAL C 38 -11.96 -13.80 -4.48
C VAL C 38 -11.24 -13.18 -3.30
N THR C 39 -9.99 -13.54 -3.11
CA THR C 39 -9.10 -12.76 -2.31
C THR C 39 -8.09 -12.16 -3.23
N VAL C 40 -8.01 -10.84 -3.19
CA VAL C 40 -7.09 -10.14 -4.07
C VAL C 40 -5.84 -9.81 -3.26
N VAL C 41 -4.74 -10.37 -3.73
CA VAL C 41 -3.51 -10.12 -3.06
C VAL C 41 -2.72 -9.16 -3.90
N ASP C 42 -2.36 -8.04 -3.29
CA ASP C 42 -1.47 -7.11 -3.92
C ASP C 42 -0.09 -7.68 -3.98
N VAL C 43 0.50 -7.63 -5.17
CA VAL C 43 1.90 -7.95 -5.31
C VAL C 43 2.66 -6.71 -5.00
N CYS C 44 2.52 -5.72 -5.89
CA CYS C 44 2.93 -4.34 -5.70
C CYS C 44 2.34 -3.53 -6.87
N HIS C 45 2.23 -2.22 -6.70
CA HIS C 45 1.64 -1.40 -7.74
C HIS C 45 2.47 -0.18 -8.01
N SER C 46 3.76 -0.29 -7.75
CA SER C 46 4.60 0.88 -7.79
C SER C 46 5.83 0.59 -8.59
N MET C 47 5.71 -0.28 -9.58
CA MET C 47 6.85 -0.55 -10.44
C MET C 47 7.12 0.71 -11.29
N THR C 48 8.33 0.82 -11.85
CA THR C 48 8.61 1.87 -12.81
C THR C 48 7.66 1.73 -14.00
N PRO C 49 6.77 2.72 -14.19
CA PRO C 49 5.80 2.70 -15.27
C PRO C 49 6.42 2.13 -16.56
N TRP C 50 5.70 1.25 -17.25
CA TRP C 50 6.06 0.77 -18.59
C TRP C 50 7.37 -0.01 -18.65
N ASP C 51 8.03 -0.20 -17.50
CA ASP C 51 9.31 -0.95 -17.49
C ASP C 51 9.04 -2.42 -17.34
N VAL C 52 8.85 -3.09 -18.48
CA VAL C 52 8.50 -4.51 -18.55
C VAL C 52 9.52 -5.41 -17.86
N GLU C 53 10.79 -5.09 -18.02
CA GLU C 53 11.85 -5.87 -17.38
C GLU C 53 11.65 -5.82 -15.88
N GLU C 54 11.36 -4.65 -15.34
CA GLU C 54 11.25 -4.50 -13.93
C GLU C 54 10.09 -5.35 -13.50
N GLY C 55 8.89 -5.07 -14.02
CA GLY C 55 7.71 -5.87 -13.73
C GLY C 55 7.94 -7.37 -13.75
N ALA C 56 8.68 -7.86 -14.76
CA ALA C 56 8.99 -9.28 -14.90
C ALA C 56 9.60 -9.83 -13.61
N ARG C 57 10.50 -9.05 -13.01
CA ARG C 57 11.22 -9.46 -11.82
C ARG C 57 10.29 -9.56 -10.61
N TYR C 58 9.21 -8.83 -10.63
CA TYR C 58 8.29 -8.91 -9.52
C TYR C 58 7.28 -10.07 -9.67
N ILE C 59 7.15 -10.64 -10.86
CA ILE C 59 6.12 -11.65 -11.03
C ILE C 59 6.64 -13.06 -11.22
N VAL C 60 7.93 -13.18 -11.49
CA VAL C 60 8.50 -14.47 -11.88
C VAL C 60 8.60 -15.50 -10.76
N ASP C 61 8.82 -15.05 -9.53
CA ASP C 61 9.10 -15.99 -8.43
C ASP C 61 7.91 -16.27 -7.54
N LEU C 62 6.76 -15.72 -7.92
CA LEU C 62 5.56 -15.79 -7.13
C LEU C 62 4.97 -17.19 -7.01
N PRO C 63 4.92 -17.96 -8.12
CA PRO C 63 4.08 -19.14 -8.07
C PRO C 63 4.31 -20.10 -6.93
N ARG C 64 5.56 -20.29 -6.49
CA ARG C 64 5.82 -21.31 -5.45
C ARG C 64 5.28 -20.89 -4.09
N PHE C 65 5.06 -19.59 -3.91
CA PHE C 65 4.50 -19.04 -2.65
C PHE C 65 2.98 -19.07 -2.57
N PHE C 66 2.29 -19.12 -3.69
CA PHE C 66 0.83 -19.11 -3.65
C PHE C 66 0.17 -20.47 -3.79
N PRO C 67 -1.04 -20.60 -3.20
CA PRO C 67 -1.76 -21.85 -3.31
C PRO C 67 -2.05 -22.12 -4.76
N GLU C 68 -2.04 -23.39 -5.14
CA GLU C 68 -2.43 -23.81 -6.47
C GLU C 68 -3.76 -23.18 -6.90
N GLY C 69 -3.85 -22.80 -8.18
CA GLY C 69 -5.06 -22.22 -8.73
C GLY C 69 -5.02 -20.72 -8.69
N THR C 70 -4.00 -20.15 -8.05
CA THR C 70 -3.84 -18.70 -7.97
C THR C 70 -3.70 -18.14 -9.37
N VAL C 71 -4.27 -16.94 -9.57
CA VAL C 71 -4.20 -16.24 -10.86
C VAL C 71 -3.38 -14.98 -10.70
N PHE C 72 -2.40 -14.78 -11.58
CA PHE C 72 -1.55 -13.63 -11.47
C PHE C 72 -1.99 -12.63 -12.50
N ALA C 73 -2.60 -11.56 -12.01
CA ALA C 73 -2.97 -10.44 -12.84
C ALA C 73 -1.78 -9.47 -12.81
N THR C 74 -1.01 -9.44 -13.88
CA THR C 74 0.26 -8.72 -13.91
C THR C 74 0.28 -7.76 -15.10
N THR C 75 0.48 -6.47 -14.84
CA THR C 75 0.25 -5.48 -15.90
C THR C 75 1.00 -4.16 -15.82
N THR C 76 1.73 -3.86 -16.90
CA THR C 76 1.95 -2.50 -17.31
C THR C 76 1.61 -2.54 -18.77
N TYR C 77 0.80 -1.58 -19.22
CA TYR C 77 0.14 -1.67 -20.51
C TYR C 77 0.26 -0.39 -21.38
N PRO C 78 1.51 0.01 -21.74
CA PRO C 78 1.76 1.15 -22.66
C PRO C 78 0.86 1.13 -23.92
N ALA C 79 0.60 -0.06 -24.43
CA ALA C 79 -0.27 -0.28 -25.59
C ALA C 79 -1.78 -0.14 -25.31
N THR C 80 -2.15 0.35 -24.14
CA THR C 80 -3.56 0.44 -23.79
C THR C 80 -4.34 1.22 -24.85
N GLY C 81 -5.52 0.75 -25.18
CA GLY C 81 -6.38 1.43 -26.15
C GLY C 81 -6.15 1.01 -27.58
N THR C 82 -5.12 0.19 -27.81
CA THR C 82 -4.80 -0.28 -29.16
C THR C 82 -5.46 -1.61 -29.42
N THR C 83 -5.24 -2.16 -30.61
CA THR C 83 -5.85 -3.42 -31.01
C THR C 83 -5.21 -4.59 -30.24
N THR C 84 -4.01 -4.39 -29.71
CA THR C 84 -3.32 -5.43 -28.92
C THR C 84 -4.28 -6.09 -27.93
N ARG C 85 -4.05 -7.38 -27.69
CA ARG C 85 -4.82 -8.14 -26.73
C ARG C 85 -3.92 -8.92 -25.79
N SER C 86 -4.39 -9.10 -24.57
CA SER C 86 -3.62 -9.75 -23.54
C SER C 86 -3.42 -11.19 -23.87
N VAL C 87 -2.37 -11.77 -23.30
CA VAL C 87 -2.14 -13.20 -23.36
C VAL C 87 -2.46 -13.76 -21.99
N ALA C 88 -3.06 -14.94 -21.99
CA ALA C 88 -3.31 -15.67 -20.76
C ALA C 88 -2.67 -17.05 -20.88
N VAL C 89 -1.65 -17.31 -20.06
CA VAL C 89 -0.96 -18.60 -20.08
C VAL C 89 -1.17 -19.32 -18.79
N ARG C 90 -1.25 -20.64 -18.89
CA ARG C 90 -1.09 -21.50 -17.74
C ARG C 90 0.35 -22.01 -17.76
N ILE C 91 1.09 -21.69 -16.71
CA ILE C 91 2.52 -22.02 -16.60
C ILE C 91 2.72 -23.48 -16.27
N LYS C 92 3.87 -24.06 -16.61
CA LYS C 92 4.09 -25.49 -16.34
C LYS C 92 4.59 -25.71 -14.91
N GLN C 93 5.90 -25.58 -14.67
CA GLN C 93 6.44 -25.83 -13.34
C GLN C 93 6.30 -24.60 -12.47
N ALA C 94 6.07 -24.83 -11.19
CA ALA C 94 6.06 -23.77 -10.19
C ALA C 94 7.46 -23.27 -10.00
N ALA C 95 8.41 -24.19 -10.21
CA ALA C 95 9.86 -23.91 -10.26
C ALA C 95 10.42 -23.53 -8.91
N LYS C 96 11.22 -24.43 -8.33
CA LYS C 96 12.03 -24.06 -7.17
C LYS C 96 12.77 -22.78 -7.51
N GLY C 97 13.02 -21.98 -6.47
CA GLY C 97 13.79 -20.74 -6.57
C GLY C 97 14.63 -20.50 -5.32
N GLY C 98 15.34 -19.37 -5.30
CA GLY C 98 16.11 -18.97 -4.12
C GLY C 98 17.61 -19.19 -4.21
N ALA C 99 18.30 -18.77 -3.14
CA ALA C 99 19.78 -18.76 -3.06
C ALA C 99 20.44 -20.13 -3.20
N ARG C 100 19.64 -21.20 -3.04
CA ARG C 100 20.12 -22.58 -3.20
C ARG C 100 19.17 -23.44 -4.06
N GLY C 101 17.94 -22.95 -4.26
CA GLY C 101 16.98 -23.60 -5.14
C GLY C 101 16.17 -24.66 -4.42
N GLN C 102 15.05 -24.22 -3.84
CA GLN C 102 14.21 -25.04 -2.96
C GLN C 102 12.71 -24.71 -3.17
N TRP C 103 11.82 -25.55 -2.66
CA TRP C 103 10.39 -25.18 -2.52
C TRP C 103 10.17 -24.22 -1.36
N ALA C 104 9.23 -23.31 -1.52
CA ALA C 104 8.88 -22.33 -0.47
C ALA C 104 8.09 -23.03 0.63
N GLY C 105 8.25 -22.55 1.85
CA GLY C 105 7.40 -23.00 2.95
C GLY C 105 8.16 -23.59 4.10
N SER C 106 7.40 -23.94 5.14
CA SER C 106 7.91 -24.62 6.32
C SER C 106 8.33 -26.05 6.00
N GLY C 107 9.03 -26.68 6.93
CA GLY C 107 9.65 -27.97 6.68
C GLY C 107 10.43 -27.99 5.39
N ALA C 108 10.19 -29.01 4.58
CA ALA C 108 10.82 -29.16 3.28
C ALA C 108 10.21 -28.25 2.24
N GLY C 109 9.26 -27.41 2.64
CA GLY C 109 8.60 -26.56 1.68
C GLY C 109 7.38 -27.20 1.08
N PHE C 110 6.61 -26.44 0.32
CA PHE C 110 5.38 -26.97 -0.23
C PHE C 110 5.55 -27.16 -1.72
N GLU C 111 5.60 -28.43 -2.13
CA GLU C 111 5.69 -28.81 -3.53
C GLU C 111 4.44 -28.36 -4.21
N ARG C 112 4.56 -27.79 -5.40
CA ARG C 112 3.38 -27.35 -6.14
C ARG C 112 3.32 -28.05 -7.47
N ALA C 113 2.22 -28.75 -7.67
CA ALA C 113 1.89 -29.44 -8.91
C ALA C 113 2.02 -28.54 -10.13
N GLU C 114 2.37 -29.14 -11.26
CA GLU C 114 2.49 -28.42 -12.53
C GLU C 114 1.15 -27.88 -12.95
N GLY C 115 1.12 -27.04 -13.98
CA GLY C 115 -0.15 -26.58 -14.55
C GLY C 115 -1.13 -25.93 -13.59
N SER C 116 -0.65 -25.32 -12.51
CA SER C 116 -1.56 -24.86 -11.45
C SER C 116 -1.64 -23.36 -11.27
N TYR C 117 -1.04 -22.59 -12.16
CA TYR C 117 -1.22 -21.16 -12.10
C TYR C 117 -1.34 -20.59 -13.48
N ILE C 118 -2.14 -19.54 -13.58
CA ILE C 118 -2.37 -18.86 -14.82
C ILE C 118 -1.90 -17.42 -14.64
N TYR C 119 -1.23 -16.91 -15.66
CA TYR C 119 -0.84 -15.50 -15.70
C TYR C 119 -1.69 -14.83 -16.76
N ILE C 120 -2.13 -13.62 -16.49
CA ILE C 120 -2.81 -12.86 -17.53
C ILE C 120 -2.13 -11.48 -17.58
N ALA C 121 -1.72 -11.10 -18.78
CA ALA C 121 -0.83 -9.96 -18.92
C ALA C 121 -0.95 -9.38 -20.28
N PRO C 122 -0.56 -8.10 -20.42
CA PRO C 122 -0.40 -7.54 -21.75
C PRO C 122 0.53 -8.44 -22.56
N ASN C 123 0.26 -8.64 -23.84
CA ASN C 123 1.20 -9.35 -24.69
C ASN C 123 2.34 -8.46 -25.15
N ASN C 124 3.03 -7.85 -24.18
CA ASN C 124 4.10 -6.88 -24.42
C ASN C 124 5.47 -7.36 -23.92
N GLY C 125 5.51 -8.55 -23.32
CA GLY C 125 6.78 -9.20 -22.93
C GLY C 125 6.92 -9.30 -21.42
N LEU C 126 5.90 -8.81 -20.71
CA LEU C 126 5.98 -8.80 -19.27
C LEU C 126 6.23 -10.21 -18.75
N LEU C 127 5.75 -11.19 -19.50
CA LEU C 127 5.78 -12.60 -19.09
C LEU C 127 7.03 -13.34 -19.54
N THR C 128 8.04 -12.61 -20.01
CA THR C 128 9.15 -13.28 -20.65
C THR C 128 9.79 -14.28 -19.71
N THR C 129 10.27 -13.79 -18.58
CA THR C 129 11.07 -14.63 -17.69
C THR C 129 10.18 -15.68 -17.02
N VAL C 130 8.90 -15.35 -16.82
CA VAL C 130 7.93 -16.32 -16.34
C VAL C 130 7.95 -17.53 -17.26
N LEU C 131 7.78 -17.28 -18.55
CA LEU C 131 7.71 -18.38 -19.51
C LEU C 131 9.01 -19.09 -19.61
N GLU C 132 10.09 -18.36 -19.37
CA GLU C 132 11.45 -18.91 -19.45
C GLU C 132 11.70 -19.87 -18.29
N GLU C 133 11.36 -19.40 -17.10
CA GLU C 133 11.68 -20.11 -15.89
C GLU C 133 10.67 -21.20 -15.58
N HIS C 134 9.45 -21.01 -16.05
CA HIS C 134 8.37 -21.89 -15.66
C HIS C 134 7.86 -22.72 -16.79
N GLY C 135 8.13 -22.28 -18.03
CA GLY C 135 7.55 -22.94 -19.20
C GLY C 135 6.03 -22.81 -19.19
N TYR C 136 5.37 -23.26 -20.25
CA TYR C 136 3.93 -23.15 -20.29
C TYR C 136 3.20 -24.30 -21.01
N LEU C 137 2.01 -24.63 -20.52
CA LEU C 137 1.15 -25.65 -21.12
C LEU C 137 0.22 -25.17 -22.24
N GLU C 138 -0.29 -23.95 -22.10
CA GLU C 138 -1.26 -23.40 -23.05
C GLU C 138 -1.29 -21.90 -22.93
N ALA C 139 -1.53 -21.20 -24.04
CA ALA C 139 -1.50 -19.73 -24.10
C ALA C 139 -2.62 -19.20 -24.97
N TYR C 140 -3.25 -18.12 -24.53
CA TYR C 140 -4.43 -17.61 -25.21
C TYR C 140 -4.54 -16.10 -25.30
N GLU C 141 -4.99 -15.68 -26.47
CA GLU C 141 -5.35 -14.32 -26.76
C GLU C 141 -6.62 -14.03 -25.99
N VAL C 142 -6.57 -13.01 -25.14
CA VAL C 142 -7.74 -12.66 -24.37
C VAL C 142 -8.67 -11.79 -25.22
N THR C 143 -9.55 -12.39 -26.02
CA THR C 143 -10.44 -11.61 -26.90
C THR C 143 -11.92 -11.71 -26.62
N SER C 144 -12.35 -12.75 -25.91
CA SER C 144 -13.77 -12.99 -25.72
C SER C 144 -14.47 -11.88 -24.98
N PRO C 145 -15.68 -11.50 -25.47
CA PRO C 145 -16.53 -10.49 -24.82
C PRO C 145 -17.02 -10.98 -23.47
N LYS C 146 -16.86 -12.27 -23.20
CA LYS C 146 -17.27 -12.81 -21.93
C LYS C 146 -16.33 -12.47 -20.80
N VAL C 147 -15.14 -11.99 -21.11
CA VAL C 147 -14.11 -11.74 -20.09
C VAL C 147 -13.35 -10.41 -20.28
N ILE C 148 -13.61 -9.72 -21.38
CA ILE C 148 -13.22 -8.32 -21.51
C ILE C 148 -14.43 -7.47 -21.91
N PRO C 149 -14.40 -6.13 -21.67
CA PRO C 149 -15.48 -5.24 -22.08
C PRO C 149 -15.73 -5.26 -23.58
N GLU C 150 -16.97 -5.02 -23.98
CA GLU C 150 -17.24 -4.75 -25.39
C GLU C 150 -16.75 -3.35 -25.78
N GLN C 151 -16.73 -2.44 -24.81
CA GLN C 151 -16.24 -1.11 -25.05
C GLN C 151 -15.11 -0.79 -24.07
N PRO C 152 -13.92 -1.36 -24.32
CA PRO C 152 -12.87 -1.17 -23.33
C PRO C 152 -12.52 0.30 -23.23
N GLU C 153 -12.29 0.77 -22.01
CA GLU C 153 -11.80 2.12 -21.79
C GLU C 153 -10.43 2.25 -22.45
N PRO C 154 -10.32 3.14 -23.45
CA PRO C 154 -9.10 3.26 -24.23
C PRO C 154 -7.86 3.23 -23.38
N THR C 155 -7.85 3.96 -22.27
CA THR C 155 -6.61 4.21 -21.53
C THR C 155 -6.35 3.19 -20.39
N PHE C 156 -7.38 2.45 -20.00
CA PHE C 156 -7.30 1.60 -18.80
C PHE C 156 -7.40 0.12 -19.14
N TYR C 157 -6.60 -0.32 -20.11
CA TYR C 157 -6.44 -1.75 -20.44
C TYR C 157 -5.93 -2.64 -19.30
N SER C 158 -5.26 -2.05 -18.32
CA SER C 158 -4.93 -2.84 -17.12
C SER C 158 -6.20 -3.34 -16.41
N ARG C 159 -7.19 -2.46 -16.34
CA ARG C 159 -8.45 -2.82 -15.75
C ARG C 159 -9.22 -3.72 -16.70
N GLU C 160 -9.26 -3.33 -17.98
CA GLU C 160 -10.18 -3.92 -18.95
C GLU C 160 -9.69 -5.25 -19.49
N MET C 161 -8.41 -5.35 -19.78
CA MET C 161 -7.88 -6.55 -20.43
C MET C 161 -7.02 -7.36 -19.49
N VAL C 162 -7.11 -7.08 -18.20
CA VAL C 162 -6.28 -7.78 -17.24
C VAL C 162 -7.08 -8.05 -15.97
N ALA C 163 -7.39 -6.99 -15.20
CA ALA C 163 -8.16 -7.16 -13.96
C ALA C 163 -9.43 -7.97 -14.19
N ILE C 164 -10.31 -7.45 -15.03
CA ILE C 164 -11.60 -8.07 -15.32
C ILE C 164 -11.40 -9.53 -15.71
N PRO C 165 -10.61 -9.82 -16.78
CA PRO C 165 -10.47 -11.24 -17.14
C PRO C 165 -9.75 -12.11 -16.11
N SER C 166 -8.85 -11.55 -15.31
CA SER C 166 -8.23 -12.36 -14.26
C SER C 166 -9.33 -12.87 -13.32
N ALA C 167 -10.34 -12.04 -13.13
CA ALA C 167 -11.43 -12.39 -12.24
C ALA C 167 -12.32 -13.49 -12.81
N HIS C 168 -12.54 -13.44 -14.12
CA HIS C 168 -13.27 -14.53 -14.77
C HIS C 168 -12.50 -15.81 -14.59
N LEU C 169 -11.17 -15.73 -14.70
CA LEU C 169 -10.35 -16.92 -14.60
C LEU C 169 -10.34 -17.45 -13.17
N ALA C 170 -10.21 -16.54 -12.20
CA ALA C 170 -10.29 -16.96 -10.82
C ALA C 170 -11.64 -17.64 -10.59
N ALA C 171 -12.67 -17.18 -11.30
CA ALA C 171 -14.06 -17.63 -11.09
C ALA C 171 -14.38 -18.92 -11.80
N GLY C 172 -13.36 -19.59 -12.33
CA GLY C 172 -13.60 -20.85 -13.03
C GLY C 172 -13.93 -20.72 -14.51
N PHE C 173 -13.90 -19.51 -15.06
CA PHE C 173 -14.03 -19.37 -16.52
C PHE C 173 -12.89 -20.13 -17.25
N PRO C 174 -13.26 -21.12 -18.10
CA PRO C 174 -12.30 -22.01 -18.78
C PRO C 174 -11.26 -21.21 -19.53
N LEU C 175 -9.99 -21.36 -19.16
CA LEU C 175 -8.88 -20.64 -19.82
C LEU C 175 -8.99 -20.58 -21.34
N SER C 176 -9.17 -21.73 -21.97
CA SER C 176 -9.14 -21.85 -23.42
C SER C 176 -10.33 -21.19 -24.13
N GLU C 177 -11.19 -20.53 -23.35
CA GLU C 177 -12.36 -19.90 -23.94
C GLU C 177 -12.24 -18.39 -23.97
N VAL C 178 -11.08 -17.88 -23.56
CA VAL C 178 -10.82 -16.42 -23.59
C VAL C 178 -10.49 -15.89 -24.98
N GLY C 179 -10.06 -16.79 -25.86
CA GLY C 179 -9.72 -16.44 -27.23
C GLY C 179 -8.83 -17.51 -27.81
N ARG C 180 -8.49 -17.35 -29.09
CA ARG C 180 -7.74 -18.38 -29.83
C ARG C 180 -6.40 -18.74 -29.18
N PRO C 181 -5.91 -19.98 -29.44
CA PRO C 181 -4.60 -20.32 -28.96
C PRO C 181 -3.55 -19.48 -29.66
N LEU C 182 -2.51 -19.14 -28.94
CA LEU C 182 -1.44 -18.38 -29.49
C LEU C 182 -0.26 -19.31 -29.71
N GLU C 183 0.33 -19.26 -30.91
CA GLU C 183 1.58 -19.96 -31.15
C GLU C 183 2.66 -19.23 -30.40
N ASP C 184 3.80 -19.90 -30.22
CA ASP C 184 4.86 -19.36 -29.40
C ASP C 184 5.37 -18.01 -29.94
N HIS C 185 5.70 -17.96 -31.22
CA HIS C 185 6.27 -16.77 -31.85
C HIS C 185 5.38 -15.52 -31.69
N GLU C 186 4.12 -15.74 -31.34
CA GLU C 186 3.14 -14.66 -31.15
C GLU C 186 3.16 -14.12 -29.73
N ILE C 187 3.79 -14.87 -28.82
CA ILE C 187 3.96 -14.40 -27.45
C ILE C 187 5.23 -13.52 -27.40
N VAL C 188 5.01 -12.21 -27.33
CA VAL C 188 6.09 -11.22 -27.41
C VAL C 188 7.13 -11.51 -26.34
N ARG C 189 8.40 -11.45 -26.70
CA ARG C 189 9.47 -11.63 -25.72
C ARG C 189 10.37 -10.39 -25.74
N PHE C 190 10.97 -10.07 -24.60
CA PHE C 190 12.07 -9.09 -24.57
C PHE C 190 13.37 -9.89 -24.44
N ASN C 191 14.49 -9.23 -24.72
CA ASN C 191 15.77 -9.90 -24.58
C ASN C 191 16.40 -9.61 -23.25
N ARG C 192 16.79 -10.67 -22.58
CA ARG C 192 17.44 -10.58 -21.30
C ARG C 192 18.82 -10.01 -21.54
N PRO C 193 19.23 -9.01 -20.75
CA PRO C 193 20.61 -8.55 -20.95
C PRO C 193 21.49 -9.62 -20.37
N ALA C 194 22.44 -10.12 -21.17
CA ALA C 194 23.21 -11.32 -20.84
C ALA C 194 24.44 -11.04 -19.98
N VAL C 195 24.86 -12.03 -19.20
CA VAL C 195 26.11 -11.96 -18.42
C VAL C 195 27.25 -12.62 -19.19
N GLU C 196 28.36 -11.88 -19.32
CA GLU C 196 29.50 -12.27 -20.15
C GLU C 196 30.73 -12.75 -19.38
N GLN C 197 31.11 -14.03 -19.49
CA GLN C 197 32.40 -14.46 -18.90
C GLN C 197 33.65 -14.05 -19.73
N ASP C 198 33.95 -12.76 -19.66
CA ASP C 198 35.23 -12.19 -20.10
C ASP C 198 36.29 -12.41 -19.01
N GLY C 199 37.23 -13.33 -19.28
CA GLY C 199 38.24 -13.75 -18.31
C GLY C 199 37.67 -14.69 -17.27
N GLU C 200 38.26 -14.66 -16.08
CA GLU C 200 37.60 -15.26 -14.89
C GLU C 200 36.46 -14.38 -14.36
N ALA C 201 36.50 -13.09 -14.73
CA ALA C 201 35.51 -12.08 -14.38
C ALA C 201 34.11 -12.36 -14.91
N LEU C 202 33.11 -11.67 -14.37
CA LEU C 202 31.73 -11.77 -14.87
C LEU C 202 31.17 -10.37 -14.98
N VAL C 203 30.96 -9.89 -16.21
CA VAL C 203 30.30 -8.60 -16.35
C VAL C 203 28.81 -8.81 -16.45
N GLY C 204 28.11 -8.03 -15.64
CA GLY C 204 26.67 -7.92 -15.70
C GLY C 204 26.29 -6.49 -15.42
N VAL C 205 25.22 -6.34 -14.66
CA VAL C 205 24.55 -5.08 -14.59
C VAL C 205 23.87 -5.07 -13.21
N VAL C 206 23.78 -3.89 -12.59
CA VAL C 206 22.89 -3.77 -11.44
C VAL C 206 21.55 -3.90 -12.10
N SER C 207 20.87 -5.00 -11.83
CA SER C 207 19.51 -5.15 -12.36
C SER C 207 18.45 -4.50 -11.49
N ALA C 208 18.76 -4.22 -10.23
CA ALA C 208 17.82 -3.50 -9.33
C ALA C 208 18.48 -2.98 -8.04
N ILE C 209 17.86 -1.94 -7.45
CA ILE C 209 18.12 -1.58 -6.05
C ILE C 209 17.01 -2.20 -5.19
N ASP C 210 17.44 -2.84 -4.12
CA ASP C 210 16.48 -3.56 -3.31
C ASP C 210 15.87 -2.62 -2.30
N HIS C 211 14.76 -1.99 -2.67
CA HIS C 211 14.12 -1.02 -1.76
C HIS C 211 13.38 -1.80 -0.65
N PRO C 212 13.37 -1.28 0.58
CA PRO C 212 13.82 0.04 1.07
C PRO C 212 15.18 0.03 1.69
N PHE C 213 15.91 -1.08 1.52
CA PHE C 213 17.19 -1.28 2.21
C PHE C 213 18.41 -0.68 1.49
N GLY C 214 18.33 -0.51 0.17
CA GLY C 214 19.45 -0.03 -0.60
C GLY C 214 20.45 -1.12 -0.91
N ASN C 215 20.00 -2.37 -0.82
CA ASN C 215 20.88 -3.49 -1.25
C ASN C 215 20.96 -3.45 -2.77
N VAL C 216 22.05 -3.95 -3.33
CA VAL C 216 22.25 -3.86 -4.78
C VAL C 216 22.21 -5.24 -5.42
N TRP C 217 21.30 -5.41 -6.39
CA TRP C 217 21.09 -6.69 -7.07
C TRP C 217 21.63 -6.68 -8.49
N THR C 218 22.42 -7.70 -8.82
CA THR C 218 23.00 -7.82 -10.14
C THR C 218 22.28 -8.92 -10.88
N ASN C 219 22.40 -8.94 -12.21
CA ASN C 219 21.83 -10.02 -13.01
C ASN C 219 22.81 -11.21 -13.08
N ILE C 220 23.76 -11.25 -12.17
CA ILE C 220 24.74 -12.31 -12.11
C ILE C 220 24.17 -13.38 -11.20
N HIS C 221 23.51 -14.37 -11.81
CA HIS C 221 22.83 -15.46 -11.12
C HIS C 221 23.87 -16.43 -10.53
N ARG C 222 23.45 -17.18 -9.51
CA ARG C 222 24.30 -18.24 -8.94
C ARG C 222 24.94 -19.09 -10.03
N THR C 223 24.12 -19.67 -10.94
CA THR C 223 24.69 -20.62 -11.91
C THR C 223 25.80 -19.94 -12.70
N ASP C 224 25.61 -18.66 -13.04
CA ASP C 224 26.69 -17.84 -13.63
C ASP C 224 27.95 -17.85 -12.74
N LEU C 225 27.74 -17.90 -11.43
CA LEU C 225 28.86 -17.91 -10.49
C LEU C 225 29.46 -19.29 -10.26
N GLU C 226 28.64 -20.33 -10.10
CA GLU C 226 29.22 -21.66 -9.85
C GLU C 226 29.80 -22.33 -11.08
N LYS C 227 29.89 -21.57 -12.16
CA LYS C 227 30.61 -22.01 -13.34
C LYS C 227 31.84 -21.12 -13.59
N ALA C 228 32.03 -20.11 -12.74
CA ALA C 228 33.33 -19.42 -12.69
C ALA C 228 34.14 -19.96 -11.51
N GLY C 229 33.50 -20.90 -10.80
CA GLY C 229 34.06 -21.55 -9.60
C GLY C 229 33.30 -21.09 -8.38
N ILE C 230 33.31 -19.77 -8.21
CA ILE C 230 32.77 -19.05 -7.06
C ILE C 230 31.51 -19.66 -6.37
N GLY C 231 31.72 -20.00 -5.10
CA GLY C 231 30.66 -20.37 -4.16
C GLY C 231 31.00 -19.73 -2.82
N TYR C 232 30.17 -19.95 -1.80
CA TYR C 232 30.38 -19.26 -0.52
C TYR C 232 31.79 -19.40 0.03
N GLY C 233 32.21 -18.37 0.77
CA GLY C 233 33.56 -18.32 1.29
C GLY C 233 34.53 -17.58 0.39
N ALA C 234 34.26 -17.57 -0.92
CA ALA C 234 35.21 -17.06 -1.91
C ALA C 234 35.38 -15.55 -1.83
N ARG C 235 36.63 -15.11 -1.88
CA ARG C 235 36.92 -13.67 -1.80
C ARG C 235 36.68 -13.00 -3.16
N LEU C 236 35.67 -12.15 -3.22
CA LEU C 236 35.28 -11.54 -4.48
C LEU C 236 35.61 -10.07 -4.56
N ARG C 237 36.02 -9.63 -5.73
CA ARG C 237 36.06 -8.20 -6.03
C ARG C 237 34.89 -7.83 -6.95
N LEU C 238 34.04 -6.92 -6.49
CA LEU C 238 32.86 -6.49 -7.26
C LEU C 238 32.95 -5.00 -7.56
N THR C 239 32.66 -4.64 -8.80
CA THR C 239 32.90 -3.28 -9.27
C THR C 239 31.68 -2.67 -9.92
N LEU C 240 30.97 -1.83 -9.18
CA LEU C 240 29.76 -1.12 -9.64
C LEU C 240 30.09 0.13 -10.42
N ASP C 241 29.35 0.39 -11.49
CA ASP C 241 29.49 1.61 -12.31
C ASP C 241 30.86 1.74 -13.00
N GLY C 242 31.65 0.67 -12.94
CA GLY C 242 33.00 0.66 -13.50
C GLY C 242 34.04 1.38 -12.65
N VAL C 243 33.59 2.08 -11.60
CA VAL C 243 34.49 2.84 -10.74
C VAL C 243 34.62 2.41 -9.28
N LEU C 244 33.51 2.10 -8.65
CA LEU C 244 33.51 1.73 -7.24
C LEU C 244 33.76 0.24 -7.06
N PRO C 245 34.97 -0.13 -6.66
CA PRO C 245 35.36 -1.51 -6.41
C PRO C 245 34.76 -1.92 -5.08
N PHE C 246 34.72 -3.22 -4.79
CA PHE C 246 34.31 -3.71 -3.47
C PHE C 246 34.92 -5.07 -3.25
N GLU C 247 35.35 -5.34 -2.02
CA GLU C 247 35.93 -6.62 -1.70
C GLU C 247 35.21 -7.23 -0.51
N ALA C 248 34.92 -8.52 -0.62
CA ALA C 248 34.24 -9.25 0.43
C ALA C 248 34.14 -10.72 0.05
N PRO C 249 34.14 -11.60 1.05
CA PRO C 249 33.80 -12.98 0.76
C PRO C 249 32.36 -13.05 0.32
N LEU C 250 32.04 -14.04 -0.52
CA LEU C 250 30.66 -14.44 -0.78
C LEU C 250 30.15 -15.13 0.47
N THR C 251 29.05 -14.65 1.01
CA THR C 251 28.52 -15.18 2.26
C THR C 251 27.02 -15.37 2.13
N PRO C 252 26.41 -16.19 3.02
CA PRO C 252 24.96 -16.43 2.93
C PRO C 252 24.15 -15.16 3.20
N THR C 253 24.63 -14.30 4.09
CA THR C 253 23.76 -13.27 4.63
C THR C 253 24.49 -11.96 5.00
N PHE C 254 23.79 -10.98 5.56
CA PHE C 254 24.41 -9.69 5.82
C PHE C 254 25.30 -9.69 7.05
N ALA C 255 24.80 -10.21 8.16
CA ALA C 255 25.54 -10.23 9.43
C ALA C 255 26.90 -10.90 9.29
N ASP C 256 27.07 -11.69 8.24
CA ASP C 256 28.39 -12.31 7.96
C ASP C 256 29.47 -11.28 7.65
N ALA C 257 29.07 -10.05 7.35
CA ALA C 257 30.00 -8.98 7.01
C ALA C 257 30.70 -8.49 8.27
N GLY C 258 30.14 -8.85 9.43
CA GLY C 258 30.69 -8.46 10.73
C GLY C 258 30.01 -7.24 11.33
N GLU C 259 30.76 -6.15 11.43
CA GLU C 259 30.31 -4.92 12.06
C GLU C 259 29.15 -4.32 11.26
N ILE C 260 28.26 -3.61 11.93
CA ILE C 260 27.30 -2.76 11.22
C ILE C 260 28.01 -1.88 10.20
N GLY C 261 27.54 -1.92 8.94
CA GLY C 261 28.06 -1.04 7.90
C GLY C 261 29.03 -1.70 6.94
N ASN C 262 29.69 -2.76 7.39
CA ASN C 262 30.55 -3.59 6.55
C ASN C 262 29.85 -4.08 5.29
N ILE C 263 30.65 -4.34 4.26
CA ILE C 263 30.15 -4.84 2.99
C ILE C 263 29.91 -6.33 3.06
N ALA C 264 28.70 -6.75 2.65
CA ALA C 264 28.51 -8.15 2.36
C ALA C 264 28.30 -8.38 0.86
N ILE C 265 29.08 -9.29 0.29
CA ILE C 265 28.72 -9.85 -1.02
C ILE C 265 28.06 -11.18 -0.74
N TYR C 266 26.87 -11.35 -1.28
CA TYR C 266 26.01 -12.51 -0.98
C TYR C 266 25.12 -12.76 -2.17
N LEU C 267 24.27 -13.79 -2.04
CA LEU C 267 23.32 -14.14 -3.07
C LEU C 267 21.92 -13.89 -2.55
N ASN C 268 21.22 -12.99 -3.24
CA ASN C 268 19.88 -12.53 -2.87
C ASN C 268 18.82 -13.66 -2.86
N SER C 269 17.61 -13.38 -2.40
CA SER C 269 16.65 -14.47 -2.19
C SER C 269 16.12 -14.99 -3.52
N ARG C 270 16.56 -14.37 -4.62
CA ARG C 270 16.07 -14.81 -5.92
C ARG C 270 17.18 -15.59 -6.61
N GLY C 271 18.30 -15.76 -5.92
CA GLY C 271 19.44 -16.53 -6.43
C GLY C 271 20.60 -15.74 -7.06
N TYR C 272 20.50 -14.41 -7.06
CA TYR C 272 21.45 -13.56 -7.80
C TYR C 272 22.54 -12.89 -6.95
N LEU C 273 23.65 -12.55 -7.58
CA LEU C 273 24.76 -11.91 -6.89
C LEU C 273 24.38 -10.52 -6.48
N SER C 274 24.54 -10.24 -5.21
CA SER C 274 24.18 -8.94 -4.71
C SER C 274 25.22 -8.43 -3.75
N ILE C 275 25.08 -7.16 -3.43
CA ILE C 275 26.02 -6.48 -2.55
C ILE C 275 25.21 -5.49 -1.71
N ALA C 276 25.66 -5.33 -0.47
CA ALA C 276 24.99 -4.49 0.49
C ALA C 276 25.94 -4.14 1.63
N ARG C 277 25.39 -3.39 2.58
CA ARG C 277 26.04 -3.16 3.83
C ARG C 277 25.23 -3.88 4.89
N ASN C 278 25.91 -4.47 5.86
CA ASN C 278 25.26 -5.08 7.00
C ASN C 278 24.47 -4.04 7.83
N ALA C 279 23.15 -4.18 7.84
CA ALA C 279 22.25 -3.26 8.56
C ALA C 279 22.56 -1.77 8.29
N ALA C 280 22.76 -1.46 7.00
CA ALA C 280 22.90 -0.09 6.55
C ALA C 280 22.66 -0.15 5.06
N SER C 281 22.27 0.99 4.47
CA SER C 281 22.10 1.06 3.01
C SER C 281 23.39 1.36 2.26
N LEU C 282 23.64 0.55 1.24
CA LEU C 282 24.76 0.72 0.35
C LEU C 282 24.41 1.66 -0.77
N ALA C 283 23.23 1.45 -1.33
CA ALA C 283 22.79 2.16 -2.51
C ALA C 283 22.51 3.63 -2.30
N TYR C 284 21.93 3.99 -1.16
CA TYR C 284 21.37 5.33 -1.00
C TYR C 284 22.42 6.41 -0.80
N PRO C 285 23.32 6.26 0.19
CA PRO C 285 24.36 7.29 0.31
C PRO C 285 25.16 7.50 -0.96
N TYR C 286 25.38 6.43 -1.73
CA TYR C 286 26.16 6.51 -2.99
C TYR C 286 25.34 6.67 -4.26
N HIS C 287 24.03 6.84 -4.14
CA HIS C 287 23.22 7.07 -5.33
C HIS C 287 23.46 5.97 -6.38
N LEU C 288 23.61 4.73 -5.93
CA LEU C 288 23.80 3.63 -6.86
C LEU C 288 22.44 3.29 -7.46
N LYS C 289 22.37 3.05 -8.78
CA LYS C 289 21.07 2.81 -9.49
C LYS C 289 20.91 1.50 -10.28
N GLU C 290 19.64 1.09 -10.43
CA GLU C 290 19.20 0.08 -11.40
C GLU C 290 19.67 0.65 -12.73
N GLY C 291 20.66 -0.01 -13.32
CA GLY C 291 21.10 0.34 -14.67
C GLY C 291 22.59 0.47 -14.87
N MET C 292 23.32 0.63 -13.76
CA MET C 292 24.77 0.76 -13.81
C MET C 292 25.47 -0.52 -14.30
N SER C 293 26.77 -0.45 -14.53
CA SER C 293 27.51 -1.66 -14.85
C SER C 293 27.92 -2.34 -13.55
N ALA C 294 27.90 -3.67 -13.55
CA ALA C 294 28.37 -4.47 -12.43
C ALA C 294 29.48 -5.35 -12.97
N ARG C 295 30.57 -5.46 -12.23
CA ARG C 295 31.69 -6.32 -12.63
C ARG C 295 32.29 -7.00 -11.42
N VAL C 296 32.55 -8.31 -11.54
CA VAL C 296 33.13 -9.04 -10.41
C VAL C 296 34.36 -9.83 -10.86
N GLU C 297 35.34 -9.91 -9.98
CA GLU C 297 36.59 -10.69 -10.19
C GLU C 297 37.05 -11.26 -8.85
N ALA C 298 38.08 -12.09 -8.88
CA ALA C 298 38.53 -12.78 -7.67
C ALA C 298 39.74 -12.10 -7.03
#